data_4I1I
#
_entry.id   4I1I
#
_cell.length_a   64.820
_cell.length_b   65.130
_cell.length_c   77.490
_cell.angle_alpha   90.000
_cell.angle_beta   110.670
_cell.angle_gamma   90.000
#
_symmetry.space_group_name_H-M   'P 1 21 1'
#
loop_
_entity.id
_entity.type
_entity.pdbx_description
1 polymer 'Malate dehydrogenase'
2 non-polymer NICOTINAMIDE-ADENINE-DINUCLEOTIDE
3 non-polymer 'PHOSPHATE ION'
4 non-polymer 1,2-ETHANEDIOL
5 water water
#
_entity_poly.entity_id   1
_entity_poly.type   'polypeptide(L)'
_entity_poly.pdbx_seq_one_letter_code
;MAHHHHHHMGTLEAQTQGPGSMSAVKVAVTGAAGQIGYALVPLIARGALLGPTTPVELRLLDIEPALKALAGVEAELEDC
AFPLLDKVVVTADPRVAFDGVAIAIMCGAFPRKAGMERKDLLEMNARIFKEQGEAIAAVAASDCRVVVVGNPANTNALIL
LKSAQGKLNPRHVTAMTRLDHNRALSLLARKAGVPVSQVRNVIIWGNHSSTQVPDTDSAVIGTTPAREAIKDDALDDDFV
QVVRGRGAEIIQLRGLSSAMSAAKAAVDHVHDWIHGTPEGVYVSMGVYSDENPYGVPSGLIFSFPCTCHAGEWTVVSGKL
NGDLGKQRLASTIAELQEERAQAGL
;
_entity_poly.pdbx_strand_id   A,B
#
loop_
_chem_comp.id
_chem_comp.type
_chem_comp.name
_chem_comp.formula
EDO non-polymer 1,2-ETHANEDIOL 'C2 H6 O2'
NAD non-polymer NICOTINAMIDE-ADENINE-DINUCLEOTIDE 'C21 H27 N7 O14 P2'
PO4 non-polymer 'PHOSPHATE ION' 'O4 P -3'
#
# COMPACT_ATOMS: atom_id res chain seq x y z
N GLY A 20 3.93 -16.11 -24.68
CA GLY A 20 4.11 -17.51 -24.16
C GLY A 20 4.97 -17.76 -22.90
N SER A 21 5.66 -16.74 -22.39
CA SER A 21 6.53 -16.87 -21.18
C SER A 21 5.70 -16.98 -19.89
N MET A 22 5.95 -18.02 -19.09
CA MET A 22 5.13 -18.27 -17.89
C MET A 22 5.86 -17.94 -16.60
N SER A 23 7.15 -17.62 -16.69
CA SER A 23 7.96 -17.41 -15.50
C SER A 23 7.59 -16.10 -14.84
N ALA A 24 7.66 -16.06 -13.53
CA ALA A 24 7.48 -14.82 -12.83
C ALA A 24 8.55 -13.79 -13.23
N VAL A 25 8.11 -12.55 -13.39
CA VAL A 25 9.02 -11.48 -13.68
C VAL A 25 9.77 -11.12 -12.39
N LYS A 26 11.06 -10.99 -12.48
CA LYS A 26 11.92 -10.71 -11.34
C LYS A 26 12.08 -9.19 -11.15
N VAL A 27 11.66 -8.72 -9.98
CA VAL A 27 11.66 -7.31 -9.63
C VAL A 27 12.48 -7.13 -8.34
N ALA A 28 13.51 -6.29 -8.38
CA ALA A 28 14.26 -5.92 -7.18
C ALA A 28 13.77 -4.62 -6.61
N VAL A 29 13.72 -4.56 -5.29
CA VAL A 29 13.49 -3.35 -4.56
C VAL A 29 14.62 -3.19 -3.56
N THR A 30 15.35 -2.10 -3.66
CA THR A 30 16.39 -1.79 -2.66
C THR A 30 15.80 -0.84 -1.64
N GLY A 31 16.43 -0.75 -0.49
CA GLY A 31 15.83 -0.07 0.63
C GLY A 31 14.60 -0.75 1.19
N ALA A 32 14.49 -2.06 1.01
CA ALA A 32 13.27 -2.79 1.25
C ALA A 32 12.86 -2.90 2.69
N ALA A 33 13.73 -2.57 3.63
CA ALA A 33 13.39 -2.54 5.07
C ALA A 33 12.96 -1.15 5.52
N GLY A 34 12.87 -0.20 4.59
CA GLY A 34 12.53 1.18 4.92
C GLY A 34 11.05 1.46 4.70
N GLN A 35 10.68 2.73 4.90
CA GLN A 35 9.26 3.01 4.91
CA GLN A 35 9.31 3.14 4.91
C GLN A 35 8.64 3.05 3.52
N ILE A 36 9.33 3.56 2.52
CA ILE A 36 8.82 3.45 1.14
C ILE A 36 8.72 1.96 0.77
N GLY A 37 9.76 1.18 1.06
CA GLY A 37 9.70 -0.24 0.81
C GLY A 37 8.48 -0.94 1.35
N TYR A 38 8.13 -0.60 2.57
CA TYR A 38 6.99 -1.21 3.26
C TYR A 38 5.69 -0.91 2.52
N ALA A 39 5.58 0.31 2.04
CA ALA A 39 4.39 0.73 1.28
C ALA A 39 4.37 0.20 -0.14
N LEU A 40 5.54 -0.08 -0.70
CA LEU A 40 5.73 -0.45 -2.09
C LEU A 40 5.58 -1.93 -2.33
N VAL A 41 6.19 -2.76 -1.51
CA VAL A 41 6.13 -4.17 -1.79
C VAL A 41 4.74 -4.80 -1.86
N PRO A 42 3.75 -4.42 -1.03
CA PRO A 42 2.44 -4.99 -1.22
C PRO A 42 1.78 -4.54 -2.52
N LEU A 43 2.11 -3.35 -3.02
CA LEU A 43 1.55 -2.92 -4.30
C LEU A 43 2.07 -3.79 -5.45
N ILE A 44 3.38 -4.06 -5.43
CA ILE A 44 3.95 -4.91 -6.45
C ILE A 44 3.35 -6.30 -6.36
N ALA A 45 3.27 -6.84 -5.15
CA ALA A 45 2.81 -8.23 -4.99
C ALA A 45 1.32 -8.40 -5.39
N ARG A 46 0.54 -7.36 -5.20
CA ARG A 46 -0.87 -7.45 -5.57
CA ARG A 46 -0.90 -7.28 -5.59
C ARG A 46 -1.14 -7.27 -7.07
N GLY A 47 -0.13 -6.89 -7.83
CA GLY A 47 -0.27 -6.78 -9.27
C GLY A 47 -0.28 -5.38 -9.83
N ALA A 48 -0.08 -4.37 -8.99
CA ALA A 48 -0.19 -2.95 -9.42
C ALA A 48 0.92 -2.53 -10.36
N LEU A 49 2.06 -3.23 -10.36
CA LEU A 49 3.21 -2.85 -11.14
C LEU A 49 3.15 -3.46 -12.55
N LEU A 50 2.99 -4.77 -12.61
CA LEU A 50 3.07 -5.53 -13.88
C LEU A 50 1.74 -6.01 -14.40
N GLY A 51 0.67 -5.84 -13.63
CA GLY A 51 -0.64 -6.21 -14.03
C GLY A 51 -1.26 -7.31 -13.17
N PRO A 52 -2.59 -7.34 -13.11
CA PRO A 52 -3.29 -8.21 -12.19
C PRO A 52 -3.23 -9.68 -12.51
N THR A 53 -2.64 -10.07 -13.61
CA THR A 53 -2.51 -11.48 -13.92
C THR A 53 -1.05 -11.87 -14.18
N THR A 54 -0.07 -10.98 -13.83
CA THR A 54 1.34 -11.25 -14.09
C THR A 54 2.07 -11.75 -12.80
N PRO A 55 2.55 -12.99 -12.78
CA PRO A 55 3.31 -13.46 -11.61
C PRO A 55 4.60 -12.67 -11.45
N VAL A 56 5.00 -12.45 -10.18
CA VAL A 56 6.14 -11.64 -9.84
CA VAL A 56 6.15 -11.62 -9.83
C VAL A 56 6.99 -12.35 -8.80
N GLU A 57 8.28 -12.14 -8.88
CA GLU A 57 9.22 -12.57 -7.87
C GLU A 57 9.86 -11.33 -7.33
N LEU A 58 9.80 -11.14 -6.01
CA LEU A 58 10.42 -9.98 -5.37
C LEU A 58 11.78 -10.34 -4.80
N ARG A 59 12.78 -9.49 -5.08
CA ARG A 59 14.10 -9.61 -4.55
C ARG A 59 14.33 -8.33 -3.73
N LEU A 60 14.40 -8.49 -2.43
CA LEU A 60 14.42 -7.40 -1.49
C LEU A 60 15.83 -7.23 -0.92
N LEU A 61 16.39 -6.04 -1.15
CA LEU A 61 17.73 -5.68 -0.71
C LEU A 61 17.70 -4.60 0.32
N ASP A 62 18.45 -4.80 1.40
CA ASP A 62 18.72 -3.76 2.37
C ASP A 62 20.11 -4.02 2.95
N ILE A 63 20.46 -3.33 4.01
CA ILE A 63 21.76 -3.51 4.61
C ILE A 63 21.82 -4.72 5.51
N GLU A 64 23.02 -5.20 5.80
CA GLU A 64 23.18 -6.38 6.60
C GLU A 64 22.56 -6.26 8.00
N PRO A 65 22.69 -5.10 8.67
CA PRO A 65 22.01 -4.97 9.97
C PRO A 65 20.48 -4.99 9.90
N ALA A 66 19.90 -4.91 8.72
CA ALA A 66 18.47 -4.88 8.51
C ALA A 66 17.91 -6.27 8.10
N LEU A 67 18.72 -7.32 8.16
CA LEU A 67 18.25 -8.63 7.73
C LEU A 67 17.07 -9.17 8.53
N LYS A 68 17.06 -8.98 9.85
CA LYS A 68 15.93 -9.44 10.63
C LYS A 68 14.65 -8.67 10.21
N ALA A 69 14.78 -7.35 10.07
CA ALA A 69 13.68 -6.52 9.63
C ALA A 69 13.18 -7.06 8.27
N LEU A 70 14.06 -7.39 7.36
CA LEU A 70 13.70 -7.91 6.03
C LEU A 70 12.94 -9.23 6.16
N ALA A 71 13.35 -10.07 7.08
CA ALA A 71 12.65 -11.28 7.36
C ALA A 71 11.20 -10.97 7.80
N GLY A 72 11.05 -9.92 8.62
CA GLY A 72 9.71 -9.51 9.00
C GLY A 72 8.85 -9.03 7.86
N VAL A 73 9.45 -8.31 6.90
CA VAL A 73 8.72 -7.91 5.68
C VAL A 73 8.32 -9.17 4.91
N GLU A 74 9.22 -10.12 4.75
CA GLU A 74 8.93 -11.36 4.03
C GLU A 74 7.78 -12.12 4.69
N ALA A 75 7.79 -12.20 6.02
CA ALA A 75 6.75 -12.87 6.75
C ALA A 75 5.41 -12.22 6.52
N GLU A 76 5.34 -10.89 6.58
CA GLU A 76 4.06 -10.25 6.31
C GLU A 76 3.62 -10.42 4.87
N LEU A 77 4.55 -10.45 3.92
CA LEU A 77 4.16 -10.67 2.54
C LEU A 77 3.55 -12.09 2.42
N GLU A 78 4.16 -13.07 3.07
CA GLU A 78 3.62 -14.43 3.09
C GLU A 78 2.19 -14.45 3.62
N ASP A 79 1.98 -13.67 4.67
CA ASP A 79 0.70 -13.63 5.35
C ASP A 79 -0.40 -12.93 4.58
N CYS A 80 -0.04 -12.26 3.48
CA CYS A 80 -1.00 -11.72 2.56
C CYS A 80 -1.59 -12.75 1.59
N ALA A 81 -0.99 -13.93 1.46
CA ALA A 81 -1.49 -14.94 0.57
C ALA A 81 -1.75 -14.39 -0.85
N PHE A 82 -0.77 -13.63 -1.34
CA PHE A 82 -0.88 -13.01 -2.71
C PHE A 82 -0.73 -14.08 -3.80
N PRO A 83 -1.77 -14.23 -4.66
CA PRO A 83 -1.69 -15.28 -5.69
C PRO A 83 -0.59 -15.03 -6.72
N LEU A 84 -0.22 -13.78 -6.95
CA LEU A 84 0.77 -13.48 -7.96
C LEU A 84 2.22 -13.57 -7.47
N LEU A 85 2.42 -13.65 -6.15
CA LEU A 85 3.77 -13.54 -5.58
C LEU A 85 4.41 -14.92 -5.55
N ASP A 86 5.19 -15.23 -6.58
CA ASP A 86 5.72 -16.57 -6.71
C ASP A 86 6.84 -16.88 -5.73
N LYS A 87 7.65 -15.89 -5.38
CA LYS A 87 8.85 -16.09 -4.58
C LYS A 87 9.27 -14.73 -4.03
N VAL A 88 9.84 -14.74 -2.82
CA VAL A 88 10.51 -13.59 -2.20
C VAL A 88 11.90 -14.03 -1.77
N VAL A 89 12.88 -13.21 -2.09
CA VAL A 89 14.26 -13.40 -1.64
C VAL A 89 14.64 -12.17 -0.86
N VAL A 90 15.21 -12.34 0.33
CA VAL A 90 15.71 -11.21 1.06
C VAL A 90 17.23 -11.34 1.21
N THR A 91 17.91 -10.21 1.10
CA THR A 91 19.36 -10.23 1.03
C THR A 91 19.95 -8.86 1.36
N ALA A 92 21.23 -8.90 1.76
CA ALA A 92 22.06 -7.70 1.84
C ALA A 92 23.12 -7.69 0.75
N ASP A 93 23.08 -8.65 -0.18
CA ASP A 93 24.09 -8.77 -1.24
C ASP A 93 23.46 -8.31 -2.57
N PRO A 94 23.91 -7.18 -3.15
CA PRO A 94 23.31 -6.76 -4.39
C PRO A 94 23.44 -7.78 -5.51
N ARG A 95 24.49 -8.61 -5.47
CA ARG A 95 24.66 -9.62 -6.49
C ARG A 95 23.53 -10.63 -6.44
N VAL A 96 23.02 -10.91 -5.26
CA VAL A 96 21.88 -11.80 -5.09
C VAL A 96 20.58 -11.07 -5.48
N ALA A 97 20.42 -9.86 -4.98
CA ALA A 97 19.20 -9.14 -5.26
C ALA A 97 18.95 -8.96 -6.74
N PHE A 98 19.98 -8.58 -7.48
CA PHE A 98 19.81 -8.23 -8.89
C PHE A 98 19.92 -9.36 -9.89
N ASP A 99 20.12 -10.58 -9.40
CA ASP A 99 20.34 -11.73 -10.26
CA ASP A 99 20.35 -11.70 -10.32
C ASP A 99 19.12 -11.97 -11.19
N GLY A 100 19.29 -11.73 -12.47
CA GLY A 100 18.28 -11.95 -13.49
C GLY A 100 17.16 -10.94 -13.51
N VAL A 101 17.28 -9.86 -12.76
CA VAL A 101 16.11 -8.98 -12.63
C VAL A 101 15.86 -8.14 -13.89
N ALA A 102 14.58 -7.95 -14.13
CA ALA A 102 14.04 -7.09 -15.22
C ALA A 102 13.75 -5.67 -14.82
N ILE A 103 13.42 -5.47 -13.56
CA ILE A 103 12.98 -4.16 -13.02
CA ILE A 103 13.06 -4.15 -13.06
C ILE A 103 13.70 -4.00 -11.72
N ALA A 104 14.28 -2.83 -11.48
CA ALA A 104 14.87 -2.50 -10.15
C ALA A 104 14.39 -1.13 -9.71
N ILE A 105 13.78 -1.06 -8.52
CA ILE A 105 13.27 0.17 -7.92
C ILE A 105 14.16 0.47 -6.75
N MET A 106 14.95 1.52 -6.84
CA MET A 106 16.06 1.76 -5.91
CA MET A 106 16.02 1.72 -5.90
C MET A 106 15.67 2.76 -4.86
N CYS A 107 15.19 2.26 -3.71
CA CYS A 107 14.80 3.16 -2.60
C CYS A 107 15.88 3.22 -1.52
N GLY A 108 16.91 2.41 -1.65
CA GLY A 108 17.94 2.30 -0.60
C GLY A 108 18.94 3.44 -0.68
N ALA A 109 18.97 4.25 0.37
CA ALA A 109 19.80 5.41 0.51
C ALA A 109 19.63 5.82 1.97
N PHE A 110 20.71 6.21 2.61
CA PHE A 110 20.63 6.70 3.97
C PHE A 110 20.05 8.09 4.02
N PRO A 111 19.40 8.40 5.15
CA PRO A 111 18.64 9.62 5.31
C PRO A 111 19.54 10.80 5.52
N ARG A 112 19.14 11.95 5.03
CA ARG A 112 19.88 13.16 5.36
C ARG A 112 19.90 13.32 6.90
N LYS A 113 21.10 13.56 7.45
CA LYS A 113 21.28 13.87 8.88
C LYS A 113 21.25 15.39 9.07
N ALA A 114 20.81 15.81 10.25
CA ALA A 114 20.93 17.21 10.63
C ALA A 114 22.31 17.71 10.41
N GLY A 115 22.41 18.93 9.86
CA GLY A 115 23.71 19.56 9.60
C GLY A 115 24.33 19.26 8.24
N MET A 116 23.73 18.34 7.48
CA MET A 116 24.25 18.05 6.12
C MET A 116 23.84 19.11 5.11
N GLU A 117 24.81 19.48 4.29
CA GLU A 117 24.58 20.19 3.04
C GLU A 117 24.14 19.15 2.02
N ARG A 118 23.57 19.59 0.91
CA ARG A 118 23.25 18.63 -0.18
C ARG A 118 24.50 17.81 -0.59
N LYS A 119 25.66 18.44 -0.64
CA LYS A 119 26.91 17.75 -1.00
C LYS A 119 27.22 16.59 -0.07
N ASP A 120 26.90 16.74 1.22
CA ASP A 120 27.17 15.70 2.18
C ASP A 120 26.28 14.50 1.96
N LEU A 121 25.02 14.74 1.59
CA LEU A 121 24.10 13.66 1.30
C LEU A 121 24.55 12.88 0.07
N LEU A 122 24.99 13.62 -0.96
CA LEU A 122 25.49 13.04 -2.19
C LEU A 122 26.70 12.16 -1.88
N GLU A 123 27.64 12.68 -1.10
CA GLU A 123 28.84 11.93 -0.86
C GLU A 123 28.56 10.64 -0.03
N MET A 124 27.61 10.71 0.87
CA MET A 124 27.24 9.55 1.70
C MET A 124 26.61 8.43 0.85
N ASN A 125 25.73 8.81 -0.06
CA ASN A 125 24.92 7.81 -0.79
C ASN A 125 25.57 7.42 -2.10
N ALA A 126 26.56 8.18 -2.56
CA ALA A 126 27.24 7.85 -3.81
C ALA A 126 27.79 6.41 -3.87
N ARG A 127 28.43 5.96 -2.80
CA ARG A 127 29.05 4.65 -2.74
C ARG A 127 28.05 3.56 -2.94
N ILE A 128 26.82 3.77 -2.46
CA ILE A 128 25.75 2.80 -2.58
C ILE A 128 25.52 2.51 -4.08
N PHE A 129 25.47 3.59 -4.86
CA PHE A 129 25.07 3.49 -6.24
C PHE A 129 26.18 3.07 -7.12
N LYS A 130 27.40 3.34 -6.74
CA LYS A 130 28.55 2.78 -7.49
C LYS A 130 28.58 1.25 -7.37
N GLU A 131 28.42 0.78 -6.15
CA GLU A 131 28.41 -0.64 -5.89
C GLU A 131 27.24 -1.33 -6.56
N GLN A 132 26.10 -0.70 -6.50
CA GLN A 132 24.91 -1.31 -7.11
C GLN A 132 24.89 -1.30 -8.66
N GLY A 133 25.45 -0.25 -9.24
CA GLY A 133 25.56 -0.21 -10.68
C GLY A 133 26.47 -1.29 -11.18
N GLU A 134 27.57 -1.50 -10.52
CA GLU A 134 28.46 -2.61 -10.86
C GLU A 134 27.72 -3.94 -10.75
N ALA A 135 26.91 -4.11 -9.70
CA ALA A 135 26.26 -5.38 -9.51
C ALA A 135 25.19 -5.62 -10.56
N ILE A 136 24.36 -4.60 -10.82
CA ILE A 136 23.37 -4.70 -11.89
C ILE A 136 24.00 -5.12 -13.21
N ALA A 137 25.07 -4.44 -13.56
CA ALA A 137 25.78 -4.80 -14.78
C ALA A 137 26.24 -6.27 -14.77
N ALA A 138 26.70 -6.74 -13.63
CA ALA A 138 27.28 -8.10 -13.51
C ALA A 138 26.23 -9.19 -13.63
N VAL A 139 25.04 -8.97 -13.06
CA VAL A 139 24.07 -10.07 -12.92
C VAL A 139 22.63 -9.84 -13.37
N ALA A 140 22.22 -8.60 -13.66
CA ALA A 140 20.82 -8.39 -14.00
C ALA A 140 20.56 -8.83 -15.42
N ALA A 141 19.29 -8.95 -15.77
CA ALA A 141 18.96 -9.21 -17.16
C ALA A 141 19.45 -8.08 -18.05
N SER A 142 19.78 -8.43 -19.31
CA SER A 142 20.28 -7.44 -20.26
C SER A 142 19.32 -6.29 -20.51
N ASP A 143 18.04 -6.54 -20.42
CA ASP A 143 17.13 -5.46 -20.66
C ASP A 143 16.61 -4.76 -19.36
N CYS A 144 17.34 -4.86 -18.27
CA CYS A 144 16.82 -4.39 -16.98
C CYS A 144 16.51 -2.88 -17.04
N ARG A 145 15.38 -2.51 -16.47
CA ARG A 145 14.96 -1.14 -16.32
C ARG A 145 15.06 -0.77 -14.86
N VAL A 146 15.69 0.36 -14.60
CA VAL A 146 15.95 0.87 -13.28
C VAL A 146 15.31 2.21 -13.06
N VAL A 147 14.68 2.40 -11.90
CA VAL A 147 14.32 3.73 -11.47
C VAL A 147 14.88 4.00 -10.08
N VAL A 148 15.56 5.12 -9.94
CA VAL A 148 16.10 5.55 -8.64
C VAL A 148 15.16 6.46 -7.95
N VAL A 149 14.79 6.09 -6.73
CA VAL A 149 13.97 6.89 -5.85
C VAL A 149 14.86 7.58 -4.80
N GLY A 150 15.80 6.82 -4.24
CA GLY A 150 16.65 7.30 -3.14
C GLY A 150 17.48 8.52 -3.53
N ASN A 151 17.64 9.43 -2.56
CA ASN A 151 18.24 10.73 -2.84
C ASN A 151 19.71 10.82 -2.65
N PRO A 152 20.35 11.75 -3.40
CA PRO A 152 19.81 12.61 -4.45
C PRO A 152 19.49 11.81 -5.74
N ALA A 153 18.22 11.75 -6.13
CA ALA A 153 17.80 10.75 -7.05
C ALA A 153 18.46 10.85 -8.43
N ASN A 154 18.46 12.03 -9.04
CA ASN A 154 19.01 12.15 -10.37
C ASN A 154 20.49 11.78 -10.37
N THR A 155 21.24 12.31 -9.41
CA THR A 155 22.66 12.03 -9.42
C THR A 155 22.98 10.59 -9.06
N ASN A 156 22.20 9.98 -8.15
CA ASN A 156 22.37 8.56 -7.84
C ASN A 156 22.17 7.71 -9.09
N ALA A 157 21.19 8.08 -9.92
CA ALA A 157 20.92 7.38 -11.15
C ALA A 157 22.10 7.54 -12.11
N LEU A 158 22.68 8.74 -12.17
CA LEU A 158 23.82 8.96 -13.02
C LEU A 158 25.01 8.11 -12.57
N ILE A 159 25.25 8.10 -11.27
CA ILE A 159 26.30 7.29 -10.71
C ILE A 159 26.13 5.83 -11.05
N LEU A 160 24.92 5.32 -10.87
CA LEU A 160 24.61 3.93 -11.16
C LEU A 160 24.96 3.63 -12.62
N LEU A 161 24.48 4.46 -13.53
CA LEU A 161 24.69 4.23 -14.94
C LEU A 161 26.20 4.23 -15.28
N LYS A 162 26.90 5.23 -14.77
CA LYS A 162 28.32 5.34 -15.09
C LYS A 162 29.13 4.24 -14.47
N SER A 163 28.70 3.66 -13.38
CA SER A 163 29.42 2.60 -12.74
CA SER A 163 29.42 2.60 -12.72
C SER A 163 29.28 1.25 -13.40
N ALA A 164 28.37 1.15 -14.37
CA ALA A 164 28.15 -0.11 -15.11
C ALA A 164 29.11 -0.29 -16.27
N GLN A 165 29.98 0.70 -16.47
CA GLN A 165 31.06 0.66 -17.48
C GLN A 165 30.61 0.19 -18.86
N GLY A 166 29.52 0.79 -19.25
CA GLY A 166 28.99 0.65 -20.59
C GLY A 166 28.07 -0.53 -20.78
N LYS A 167 27.85 -1.32 -19.74
CA LYS A 167 27.08 -2.58 -19.84
C LYS A 167 25.59 -2.40 -19.56
N LEU A 168 25.16 -1.19 -19.22
CA LEU A 168 23.76 -0.96 -18.92
C LEU A 168 23.23 0.07 -19.87
N ASN A 169 22.11 -0.22 -20.54
CA ASN A 169 21.55 0.68 -21.52
C ASN A 169 21.20 2.03 -20.90
N PRO A 170 21.80 3.14 -21.36
CA PRO A 170 21.59 4.44 -20.73
C PRO A 170 20.13 4.92 -20.75
N ARG A 171 19.36 4.37 -21.69
CA ARG A 171 17.94 4.70 -21.80
C ARG A 171 17.14 3.92 -20.75
N HIS A 172 17.79 2.99 -20.04
CA HIS A 172 17.09 2.15 -19.07
C HIS A 172 17.42 2.48 -17.65
N VAL A 173 18.04 3.62 -17.41
CA VAL A 173 18.29 4.09 -16.04
C VAL A 173 17.61 5.45 -15.89
N THR A 174 16.71 5.54 -14.91
CA THR A 174 15.92 6.75 -14.68
C THR A 174 15.90 7.12 -13.23
N ALA A 175 15.46 8.34 -12.97
CA ALA A 175 15.23 8.85 -11.62
C ALA A 175 13.82 9.35 -11.50
N MET A 176 13.25 9.24 -10.31
CA MET A 176 11.83 9.53 -10.11
C MET A 176 11.56 10.97 -9.72
N THR A 177 10.90 11.69 -10.63
CA THR A 177 10.23 12.94 -10.37
C THR A 177 8.70 12.79 -10.34
N ARG A 178 8.22 11.55 -10.42
CA ARG A 178 6.77 11.33 -10.49
C ARG A 178 6.02 11.76 -9.24
N LEU A 179 6.63 11.76 -8.09
CA LEU A 179 5.90 12.28 -6.90
C LEU A 179 5.74 13.80 -7.02
N ASP A 180 6.78 14.50 -7.50
CA ASP A 180 6.63 15.94 -7.78
C ASP A 180 5.47 16.15 -8.81
N HIS A 181 5.47 15.29 -9.83
CA HIS A 181 4.50 15.40 -10.91
C HIS A 181 3.09 15.17 -10.38
N ASN A 182 2.90 14.09 -9.63
CA ASN A 182 1.59 13.80 -9.07
C ASN A 182 1.13 14.90 -8.12
N ARG A 183 2.04 15.46 -7.34
CA ARG A 183 1.69 16.57 -6.47
C ARG A 183 1.18 17.77 -7.26
N ALA A 184 1.81 18.02 -8.38
CA ALA A 184 1.43 19.10 -9.27
C ALA A 184 0.10 18.84 -9.94
N LEU A 185 -0.16 17.62 -10.34
CA LEU A 185 -1.45 17.29 -10.90
C LEU A 185 -2.58 17.53 -9.86
N SER A 186 -2.34 17.06 -8.64
CA SER A 186 -3.31 17.21 -7.57
C SER A 186 -3.56 18.68 -7.17
N LEU A 187 -2.50 19.46 -7.09
CA LEU A 187 -2.61 20.86 -6.72
C LEU A 187 -3.39 21.59 -7.82
N LEU A 188 -3.10 21.28 -9.06
CA LEU A 188 -3.81 21.91 -10.15
C LEU A 188 -5.29 21.54 -10.12
N ALA A 189 -5.58 20.28 -9.83
CA ALA A 189 -6.98 19.83 -9.73
C ALA A 189 -7.71 20.59 -8.62
N ARG A 190 -7.05 20.74 -7.48
CA ARG A 190 -7.63 21.47 -6.33
C ARG A 190 -7.86 22.93 -6.66
N LYS A 191 -6.90 23.57 -7.34
CA LYS A 191 -7.04 24.99 -7.67
C LYS A 191 -8.17 25.18 -8.66
N ALA A 192 -8.39 24.22 -9.55
CA ALA A 192 -9.43 24.33 -10.55
C ALA A 192 -10.79 23.82 -10.09
N GLY A 193 -10.84 23.14 -8.95
CA GLY A 193 -12.06 22.48 -8.47
C GLY A 193 -12.57 21.38 -9.36
N VAL A 194 -11.65 20.58 -9.92
CA VAL A 194 -12.01 19.49 -10.80
C VAL A 194 -11.43 18.18 -10.28
N PRO A 195 -11.91 17.05 -10.80
CA PRO A 195 -11.38 15.76 -10.41
C PRO A 195 -10.00 15.60 -11.00
N VAL A 196 -9.09 15.05 -10.21
CA VAL A 196 -7.68 14.90 -10.67
C VAL A 196 -7.59 13.98 -11.89
N SER A 197 -8.53 13.06 -12.05
CA SER A 197 -8.54 12.14 -13.18
C SER A 197 -8.59 12.85 -14.51
N GLN A 198 -9.08 14.10 -14.50
CA GLN A 198 -9.20 14.91 -15.73
C GLN A 198 -7.98 15.74 -16.05
N VAL A 199 -7.07 15.88 -15.11
CA VAL A 199 -5.90 16.77 -15.23
C VAL A 199 -4.72 15.95 -15.75
N ARG A 200 -4.04 16.50 -16.75
CA ARG A 200 -2.84 15.86 -17.32
C ARG A 200 -1.86 16.89 -17.80
N ASN A 201 -0.60 16.44 -17.92
CA ASN A 201 0.43 17.13 -18.73
C ASN A 201 1.00 18.37 -18.05
N VAL A 202 1.02 18.34 -16.71
CA VAL A 202 2.03 19.12 -15.98
C VAL A 202 3.41 18.53 -16.31
N ILE A 203 4.45 19.33 -16.08
CA ILE A 203 5.82 18.94 -16.32
C ILE A 203 6.64 19.36 -15.16
N ILE A 204 7.49 18.45 -14.67
CA ILE A 204 8.52 18.78 -13.71
C ILE A 204 9.87 18.71 -14.43
N TRP A 205 10.49 19.84 -14.67
CA TRP A 205 11.78 19.86 -15.38
C TRP A 205 12.95 19.83 -14.43
N GLY A 206 13.99 19.05 -14.76
CA GLY A 206 15.28 19.12 -14.10
C GLY A 206 15.52 18.14 -12.97
N ASN A 207 15.95 18.72 -11.85
CA ASN A 207 16.39 17.98 -10.69
C ASN A 207 15.22 17.71 -9.76
N HIS A 208 15.29 16.55 -9.12
CA HIS A 208 14.41 16.30 -7.97
C HIS A 208 15.00 16.98 -6.76
N SER A 209 14.71 18.24 -6.64
CA SER A 209 15.23 19.13 -5.58
C SER A 209 14.43 20.40 -5.63
N SER A 210 14.85 21.38 -4.82
CA SER A 210 14.21 22.68 -4.83
CA SER A 210 14.24 22.70 -4.80
C SER A 210 14.47 23.48 -6.08
N THR A 211 15.36 23.00 -6.97
CA THR A 211 15.56 23.68 -8.24
C THR A 211 14.67 23.14 -9.35
N GLN A 212 13.88 22.11 -9.06
CA GLN A 212 12.92 21.60 -10.05
C GLN A 212 12.08 22.75 -10.57
N VAL A 213 11.66 22.67 -11.81
CA VAL A 213 10.80 23.69 -12.39
C VAL A 213 9.44 23.07 -12.65
N PRO A 214 8.47 23.26 -11.73
CA PRO A 214 7.10 22.80 -12.00
C PRO A 214 6.44 23.71 -13.03
N ASP A 215 5.84 23.12 -14.05
CA ASP A 215 5.38 23.87 -15.20
C ASP A 215 3.99 23.38 -15.55
N THR A 216 3.01 24.30 -15.53
CA THR A 216 1.64 23.99 -15.91
C THR A 216 1.23 24.58 -17.28
N ASP A 217 2.18 25.13 -18.03
CA ASP A 217 1.84 25.87 -19.24
C ASP A 217 1.21 24.99 -20.30
N SER A 218 1.53 23.71 -20.33
CA SER A 218 0.99 22.75 -21.29
CA SER A 218 0.89 22.83 -21.31
C SER A 218 -0.09 21.84 -20.68
N ALA A 219 -0.41 22.04 -19.40
CA ALA A 219 -1.38 21.18 -18.71
C ALA A 219 -2.80 21.41 -19.20
N VAL A 220 -3.56 20.34 -19.19
CA VAL A 220 -4.96 20.38 -19.64
C VAL A 220 -5.89 19.68 -18.65
N ILE A 221 -7.18 20.07 -18.69
CA ILE A 221 -8.25 19.40 -17.95
C ILE A 221 -9.23 18.86 -18.95
N GLY A 222 -9.28 17.53 -19.08
CA GLY A 222 -9.76 16.91 -20.33
C GLY A 222 -8.85 17.26 -21.48
N THR A 223 -9.31 18.13 -22.38
CA THR A 223 -8.45 18.73 -23.40
C THR A 223 -8.41 20.25 -23.35
N THR A 224 -9.03 20.83 -22.33
CA THR A 224 -9.04 22.27 -22.14
C THR A 224 -7.79 22.78 -21.41
N PRO A 225 -7.11 23.81 -21.96
CA PRO A 225 -5.97 24.38 -21.24
C PRO A 225 -6.29 24.74 -19.77
N ALA A 226 -5.47 24.27 -18.85
CA ALA A 226 -5.83 24.37 -17.44
C ALA A 226 -6.07 25.82 -16.99
N ARG A 227 -5.32 26.75 -17.56
CA ARG A 227 -5.42 28.19 -17.22
C ARG A 227 -6.88 28.69 -17.23
N GLU A 228 -7.67 28.16 -18.15
CA GLU A 228 -9.10 28.54 -18.29
C GLU A 228 -10.00 28.11 -17.14
N ALA A 229 -9.66 27.02 -16.45
CA ALA A 229 -10.52 26.49 -15.40
C ALA A 229 -10.19 27.03 -14.03
N ILE A 230 -9.23 27.95 -13.96
CA ILE A 230 -8.88 28.54 -12.68
C ILE A 230 -9.36 29.99 -12.63
N LYS A 231 -10.37 30.24 -11.80
CA LYS A 231 -11.03 31.56 -11.76
C LYS A 231 -10.17 32.58 -11.02
N ASP A 238 1.35 30.97 -6.19
CA ASP A 238 2.17 30.22 -5.26
C ASP A 238 2.44 28.74 -5.73
N PHE A 239 2.08 28.40 -6.97
CA PHE A 239 2.10 26.99 -7.41
C PHE A 239 3.49 26.38 -7.27
N VAL A 240 4.49 27.08 -7.80
CA VAL A 240 5.86 26.54 -7.80
C VAL A 240 6.32 26.33 -6.37
N GLN A 241 6.10 27.33 -5.51
CA GLN A 241 6.53 27.22 -4.14
C GLN A 241 5.83 26.09 -3.35
N VAL A 242 4.55 25.82 -3.63
CA VAL A 242 3.82 24.77 -2.98
C VAL A 242 4.37 23.40 -3.40
N VAL A 243 4.61 23.22 -4.68
CA VAL A 243 5.16 21.94 -5.14
C VAL A 243 6.56 21.71 -4.55
N ARG A 244 7.39 22.74 -4.61
CA ARG A 244 8.74 22.61 -4.08
C ARG A 244 8.72 22.38 -2.59
N GLY A 245 7.75 22.97 -1.90
CA GLY A 245 7.65 22.88 -0.45
C GLY A 245 6.93 21.67 0.11
N ARG A 246 6.35 20.86 -0.76
CA ARG A 246 5.42 19.87 -0.29
C ARG A 246 6.06 18.78 0.58
N GLY A 247 7.25 18.33 0.25
CA GLY A 247 7.88 17.27 1.06
C GLY A 247 8.10 17.76 2.48
N ALA A 248 8.51 19.02 2.60
CA ALA A 248 8.72 19.60 3.93
C ALA A 248 7.37 19.70 4.70
N GLU A 249 6.29 20.02 3.98
CA GLU A 249 4.98 20.04 4.58
C GLU A 249 4.56 18.68 5.12
N ILE A 250 4.80 17.61 4.36
CA ILE A 250 4.53 16.25 4.86
C ILE A 250 5.27 15.98 6.17
N ILE A 251 6.53 16.37 6.23
CA ILE A 251 7.36 16.16 7.45
C ILE A 251 6.76 16.93 8.59
N GLN A 252 6.32 18.16 8.33
CA GLN A 252 5.70 19.00 9.37
C GLN A 252 4.45 18.35 9.94
N LEU A 253 3.62 17.79 9.07
CA LEU A 253 2.39 17.16 9.50
C LEU A 253 2.57 15.76 10.12
N ARG A 254 3.45 14.99 9.53
CA ARG A 254 3.59 13.56 9.82
C ARG A 254 4.71 13.26 10.81
N GLY A 255 5.77 14.09 10.78
CA GLY A 255 6.99 13.83 11.56
C GLY A 255 7.98 12.96 10.84
N LEU A 256 7.64 12.54 9.62
CA LEU A 256 8.44 11.65 8.79
C LEU A 256 8.18 12.07 7.34
N SER A 257 9.13 11.79 6.45
CA SER A 257 8.93 12.06 5.04
C SER A 257 7.92 11.08 4.41
N SER A 258 7.50 11.43 3.20
CA SER A 258 6.47 10.70 2.48
C SER A 258 6.89 9.23 2.29
N ALA A 259 5.93 8.34 2.29
CA ALA A 259 6.16 6.89 1.99
C ALA A 259 5.05 6.31 1.17
N MET A 260 3.79 6.37 1.63
CA MET A 260 2.66 5.96 0.85
C MET A 260 2.68 6.57 -0.53
N SER A 261 2.86 7.89 -0.60
CA SER A 261 2.72 8.60 -1.86
C SER A 261 3.94 8.42 -2.75
N ALA A 262 5.12 8.23 -2.12
CA ALA A 262 6.32 7.96 -2.88
C ALA A 262 6.28 6.54 -3.51
N ALA A 263 5.75 5.57 -2.77
CA ALA A 263 5.56 4.22 -3.32
C ALA A 263 4.59 4.26 -4.47
N LYS A 264 3.51 4.98 -4.31
CA LYS A 264 2.53 5.06 -5.31
C LYS A 264 3.11 5.64 -6.59
N ALA A 265 3.90 6.71 -6.43
CA ALA A 265 4.57 7.35 -7.57
C ALA A 265 5.56 6.44 -8.27
N ALA A 266 6.28 5.64 -7.49
CA ALA A 266 7.23 4.70 -8.08
C ALA A 266 6.51 3.69 -8.94
N VAL A 267 5.39 3.16 -8.46
CA VAL A 267 4.57 2.25 -9.23
C VAL A 267 4.11 2.94 -10.49
N ASP A 268 3.63 4.17 -10.40
CA ASP A 268 3.20 4.93 -11.57
C ASP A 268 4.31 5.10 -12.59
N HIS A 269 5.50 5.48 -12.11
CA HIS A 269 6.64 5.72 -13.00
C HIS A 269 6.91 4.43 -13.82
N VAL A 270 7.01 3.30 -13.13
CA VAL A 270 7.31 2.03 -13.80
C VAL A 270 6.14 1.59 -14.64
N HIS A 271 4.92 1.71 -14.11
CA HIS A 271 3.77 1.25 -14.87
C HIS A 271 3.65 1.98 -16.20
N ASP A 272 3.77 3.30 -16.21
CA ASP A 272 3.71 4.02 -17.46
C ASP A 272 4.86 3.62 -18.39
N TRP A 273 6.04 3.40 -17.83
CA TRP A 273 7.19 2.99 -18.65
C TRP A 273 6.99 1.64 -19.36
N ILE A 274 6.45 0.65 -18.62
CA ILE A 274 6.29 -0.69 -19.14
CA ILE A 274 6.26 -0.71 -19.11
C ILE A 274 5.02 -0.80 -20.00
N HIS A 275 3.93 -0.23 -19.52
CA HIS A 275 2.60 -0.45 -20.12
C HIS A 275 2.21 0.67 -21.10
N GLY A 276 2.96 1.74 -21.06
CA GLY A 276 2.70 2.88 -21.89
C GLY A 276 1.96 4.00 -21.24
N THR A 277 2.21 5.20 -21.70
CA THR A 277 1.44 6.37 -21.28
C THR A 277 0.10 6.38 -21.99
N PRO A 278 -0.96 6.85 -21.29
CA PRO A 278 -2.25 6.98 -21.90
C PRO A 278 -2.24 7.90 -23.10
N GLU A 279 -3.25 7.75 -23.96
CA GLU A 279 -3.35 8.56 -25.13
C GLU A 279 -3.36 10.04 -24.76
N GLY A 280 -2.52 10.81 -25.46
CA GLY A 280 -2.39 12.27 -25.28
C GLY A 280 -1.69 12.72 -24.00
N VAL A 281 -1.08 11.79 -23.29
CA VAL A 281 -0.54 12.10 -21.98
C VAL A 281 0.98 11.95 -21.96
N TYR A 282 1.68 12.91 -21.35
CA TYR A 282 3.08 12.72 -21.00
C TYR A 282 3.24 12.89 -19.48
N VAL A 283 4.33 12.27 -18.99
CA VAL A 283 4.65 12.22 -17.58
C VAL A 283 6.09 12.57 -17.40
N SER A 284 6.42 13.10 -16.23
CA SER A 284 7.76 13.52 -15.91
C SER A 284 8.62 12.36 -15.51
N MET A 285 9.79 12.24 -16.12
CA MET A 285 10.77 11.17 -15.79
C MET A 285 12.15 11.77 -15.87
N GLY A 286 12.98 11.42 -14.88
CA GLY A 286 14.38 11.75 -14.94
C GLY A 286 15.06 10.75 -15.83
N VAL A 287 15.55 11.22 -17.00
CA VAL A 287 16.11 10.35 -18.03
C VAL A 287 17.47 10.87 -18.45
N TYR A 288 18.24 10.00 -19.10
CA TYR A 288 19.55 10.37 -19.56
C TYR A 288 19.47 11.39 -20.67
N SER A 289 20.20 12.49 -20.50
CA SER A 289 20.04 13.66 -21.37
C SER A 289 20.73 13.64 -22.70
N ASP A 290 21.57 12.66 -23.01
CA ASP A 290 22.17 12.60 -24.37
C ASP A 290 21.04 12.71 -25.40
N GLU A 291 21.27 13.53 -26.41
CA GLU A 291 20.38 13.66 -27.57
C GLU A 291 18.96 14.11 -27.19
N ASN A 292 18.81 15.03 -26.26
CA ASN A 292 17.50 15.57 -25.97
C ASN A 292 17.19 16.70 -26.92
N PRO A 293 15.92 16.99 -27.09
CA PRO A 293 15.52 18.01 -28.09
C PRO A 293 15.47 19.43 -27.56
N TYR A 294 16.00 19.69 -26.38
CA TYR A 294 15.90 21.00 -25.70
C TYR A 294 17.22 21.72 -25.59
N GLY A 295 18.27 21.08 -26.06
CA GLY A 295 19.57 21.67 -25.87
C GLY A 295 20.13 21.62 -24.46
N VAL A 296 19.49 20.85 -23.58
CA VAL A 296 20.04 20.64 -22.25
C VAL A 296 21.35 19.84 -22.37
N PRO A 297 22.36 20.17 -21.56
CA PRO A 297 23.64 19.43 -21.66
C PRO A 297 23.50 17.94 -21.54
N SER A 298 24.32 17.25 -22.28
CA SER A 298 24.41 15.80 -22.29
CA SER A 298 24.33 15.80 -22.27
C SER A 298 24.92 15.29 -20.96
N GLY A 299 24.77 13.98 -20.72
CA GLY A 299 25.44 13.37 -19.62
C GLY A 299 24.83 13.55 -18.25
N LEU A 300 23.58 13.97 -18.20
CA LEU A 300 22.88 14.15 -16.93
C LEU A 300 21.65 13.27 -16.91
N ILE A 301 21.16 12.98 -15.71
CA ILE A 301 19.83 12.47 -15.56
C ILE A 301 18.95 13.69 -15.25
N PHE A 302 18.02 13.97 -16.15
CA PHE A 302 17.31 15.24 -16.16
C PHE A 302 15.84 14.95 -16.37
N SER A 303 14.95 15.55 -15.56
CA SER A 303 13.53 15.33 -15.73
C SER A 303 12.96 16.11 -16.89
N PHE A 304 12.30 15.39 -17.78
CA PHE A 304 11.68 15.88 -18.99
C PHE A 304 10.26 15.31 -19.08
N PRO A 305 9.41 15.94 -19.89
CA PRO A 305 8.11 15.37 -20.25
C PRO A 305 8.33 14.21 -21.21
N CYS A 306 7.77 13.05 -20.92
CA CYS A 306 7.96 11.86 -21.70
C CYS A 306 6.68 11.11 -21.99
N THR A 307 6.60 10.57 -23.20
CA THR A 307 5.66 9.49 -23.52
C THR A 307 6.41 8.20 -23.43
N CYS A 308 5.68 7.09 -23.19
CA CYS A 308 6.27 5.78 -23.16
C CYS A 308 5.48 4.86 -24.03
N HIS A 309 6.22 4.10 -24.79
CA HIS A 309 5.64 3.11 -25.71
C HIS A 309 6.66 1.96 -25.89
N ALA A 310 6.15 0.73 -25.89
CA ALA A 310 6.98 -0.47 -26.11
C ALA A 310 8.16 -0.52 -25.15
N GLY A 311 7.95 -0.07 -23.90
CA GLY A 311 8.96 -0.11 -22.87
C GLY A 311 10.01 1.00 -22.93
N GLU A 312 9.77 2.00 -23.74
CA GLU A 312 10.78 3.02 -24.00
C GLU A 312 10.22 4.39 -23.87
N TRP A 313 10.94 5.28 -23.20
CA TRP A 313 10.56 6.69 -23.14
C TRP A 313 11.01 7.46 -24.39
N THR A 314 10.26 8.53 -24.67
CA THR A 314 10.60 9.51 -25.67
C THR A 314 10.31 10.88 -25.09
N VAL A 315 11.29 11.79 -25.13
CA VAL A 315 11.06 13.16 -24.68
C VAL A 315 10.15 13.91 -25.65
N VAL A 316 9.13 14.54 -25.11
CA VAL A 316 8.19 15.33 -25.90
C VAL A 316 8.82 16.68 -26.12
N SER A 317 8.89 17.08 -27.38
CA SER A 317 9.53 18.33 -27.73
C SER A 317 8.50 19.49 -27.78
N GLY A 318 9.03 20.72 -27.80
CA GLY A 318 8.17 21.89 -28.03
C GLY A 318 7.45 22.44 -26.82
N LYS A 319 7.76 21.97 -25.61
CA LYS A 319 7.02 22.38 -24.44
C LYS A 319 7.69 23.48 -23.56
N LEU A 320 8.83 24.01 -24.02
CA LEU A 320 9.46 25.25 -23.50
C LEU A 320 9.25 26.44 -24.46
N ASN A 321 8.99 27.63 -23.91
CA ASN A 321 8.70 28.83 -24.76
C ASN A 321 9.97 29.54 -25.26
N GLY A 322 10.62 28.93 -26.25
CA GLY A 322 11.84 29.50 -26.86
C GLY A 322 13.03 29.64 -25.92
N ASP A 323 13.91 30.62 -26.22
CA ASP A 323 15.08 30.93 -25.37
C ASP A 323 14.67 31.38 -23.94
N LEU A 324 13.53 32.08 -23.83
CA LEU A 324 12.95 32.39 -22.53
C LEU A 324 12.73 31.10 -21.75
N GLY A 325 12.15 30.11 -22.43
CA GLY A 325 11.86 28.81 -21.82
C GLY A 325 13.13 28.13 -21.37
N LYS A 326 14.14 28.15 -22.21
CA LYS A 326 15.40 27.46 -21.91
C LYS A 326 16.11 28.10 -20.72
N GLN A 327 16.05 29.45 -20.65
CA GLN A 327 16.65 30.22 -19.54
C GLN A 327 16.05 29.81 -18.20
N ARG A 328 14.77 29.45 -18.21
CA ARG A 328 14.10 28.94 -17.04
C ARG A 328 14.84 27.72 -16.45
N LEU A 329 15.58 26.99 -17.27
CA LEU A 329 16.23 25.74 -16.78
C LEU A 329 17.65 25.93 -16.30
N ALA A 330 18.21 27.15 -16.43
CA ALA A 330 19.60 27.34 -16.11
C ALA A 330 20.02 26.93 -14.71
N SER A 331 19.24 27.29 -13.69
CA SER A 331 19.58 26.99 -12.30
CA SER A 331 19.55 26.99 -12.29
C SER A 331 19.59 25.49 -12.03
N THR A 332 18.60 24.76 -12.53
CA THR A 332 18.57 23.34 -12.32
C THR A 332 19.65 22.61 -13.07
N ILE A 333 19.94 23.05 -14.29
CA ILE A 333 21.08 22.50 -15.03
C ILE A 333 22.36 22.69 -14.27
N ALA A 334 22.55 23.91 -13.76
CA ALA A 334 23.77 24.19 -13.00
C ALA A 334 23.90 23.34 -11.77
N GLU A 335 22.79 23.12 -11.05
CA GLU A 335 22.82 22.27 -9.89
C GLU A 335 23.20 20.86 -10.26
N LEU A 336 22.57 20.33 -11.30
CA LEU A 336 22.91 18.96 -11.72
C LEU A 336 24.35 18.81 -12.15
N GLN A 337 24.89 19.83 -12.84
CA GLN A 337 26.32 19.79 -13.22
C GLN A 337 27.21 19.85 -11.99
N GLU A 338 26.87 20.66 -11.01
CA GLU A 338 27.65 20.70 -9.76
C GLU A 338 27.62 19.34 -9.02
N GLU A 339 26.44 18.71 -8.95
CA GLU A 339 26.32 17.41 -8.34
C GLU A 339 27.11 16.35 -9.06
N ARG A 340 27.10 16.41 -10.38
CA ARG A 340 27.86 15.45 -11.18
C ARG A 340 29.38 15.57 -10.83
N ALA A 341 29.86 16.80 -10.73
CA ALA A 341 31.26 17.04 -10.31
C ALA A 341 31.50 16.53 -8.88
N GLN A 342 30.56 16.77 -7.99
CA GLN A 342 30.67 16.30 -6.60
C GLN A 342 30.70 14.79 -6.51
N ALA A 343 30.09 14.12 -7.51
CA ALA A 343 30.13 12.68 -7.58
C ALA A 343 31.41 12.11 -8.17
N GLY A 344 32.33 12.96 -8.57
CA GLY A 344 33.55 12.49 -9.24
C GLY A 344 33.37 12.10 -10.68
N LEU A 345 32.31 12.62 -11.30
CA LEU A 345 31.95 12.31 -12.68
C LEU A 345 32.01 13.55 -13.55
N SER B 23 -22.56 8.50 -7.74
CA SER B 23 -21.84 9.23 -6.65
C SER B 23 -20.76 8.31 -6.02
N ALA B 24 -19.84 8.90 -5.28
CA ALA B 24 -18.79 8.09 -4.66
C ALA B 24 -19.37 7.32 -3.48
N VAL B 25 -18.90 6.08 -3.26
CA VAL B 25 -19.28 5.30 -2.07
C VAL B 25 -18.48 5.85 -0.90
N LYS B 26 -19.17 6.18 0.18
CA LYS B 26 -18.58 6.76 1.37
C LYS B 26 -18.10 5.63 2.29
N VAL B 27 -16.79 5.64 2.52
CA VAL B 27 -16.13 4.62 3.31
C VAL B 27 -15.43 5.26 4.52
N ALA B 28 -15.75 4.82 5.73
CA ALA B 28 -15.08 5.30 6.94
C ALA B 28 -13.99 4.35 7.35
N VAL B 29 -12.86 4.89 7.84
CA VAL B 29 -11.79 4.08 8.42
C VAL B 29 -11.46 4.69 9.77
N THR B 30 -11.66 3.95 10.85
CA THR B 30 -11.26 4.44 12.17
C THR B 30 -9.88 3.93 12.49
N GLY B 31 -9.24 4.57 13.45
CA GLY B 31 -7.81 4.35 13.71
C GLY B 31 -6.96 4.74 12.54
N ALA B 32 -7.38 5.74 11.83
CA ALA B 32 -6.81 6.06 10.54
C ALA B 32 -5.42 6.66 10.62
N ALA B 33 -4.98 7.06 11.81
CA ALA B 33 -3.61 7.58 11.97
C ALA B 33 -2.63 6.49 12.34
N GLY B 34 -3.10 5.26 12.48
CA GLY B 34 -2.23 4.16 12.84
C GLY B 34 -1.61 3.46 11.65
N GLN B 35 -0.81 2.45 11.93
CA GLN B 35 -0.06 1.84 10.83
C GLN B 35 -0.93 0.97 9.92
N ILE B 36 -1.95 0.31 10.43
CA ILE B 36 -2.87 -0.42 9.59
C ILE B 36 -3.57 0.58 8.68
N GLY B 37 -4.05 1.68 9.24
CA GLY B 37 -4.71 2.68 8.44
C GLY B 37 -3.84 3.24 7.32
N TYR B 38 -2.55 3.45 7.61
CA TYR B 38 -1.59 3.99 6.63
C TYR B 38 -1.43 3.04 5.46
N ALA B 39 -1.42 1.73 5.75
CA ALA B 39 -1.35 0.69 4.71
C ALA B 39 -2.66 0.48 3.97
N LEU B 40 -3.78 0.74 4.66
CA LEU B 40 -5.10 0.47 4.15
C LEU B 40 -5.67 1.53 3.23
N VAL B 41 -5.56 2.80 3.65
CA VAL B 41 -6.19 3.87 2.85
C VAL B 41 -5.69 3.93 1.37
N PRO B 42 -4.41 3.74 1.06
CA PRO B 42 -4.06 3.77 -0.34
C PRO B 42 -4.60 2.59 -1.13
N LEU B 43 -4.88 1.48 -0.50
CA LEU B 43 -5.48 0.36 -1.20
C LEU B 43 -6.92 0.66 -1.54
N ILE B 44 -7.64 1.21 -0.59
CA ILE B 44 -8.99 1.63 -0.88
C ILE B 44 -9.04 2.66 -2.00
N ALA B 45 -8.17 3.66 -1.90
CA ALA B 45 -8.21 4.76 -2.85
C ALA B 45 -7.85 4.32 -4.26
N ARG B 46 -7.06 3.25 -4.38
CA ARG B 46 -6.64 2.78 -5.68
C ARG B 46 -7.66 1.87 -6.36
N GLY B 47 -8.74 1.52 -5.65
CA GLY B 47 -9.77 0.69 -6.19
C GLY B 47 -9.83 -0.73 -5.70
N ALA B 48 -8.99 -1.11 -4.74
CA ALA B 48 -8.93 -2.52 -4.32
C ALA B 48 -10.12 -2.97 -3.51
N LEU B 49 -10.80 -2.02 -2.88
CA LEU B 49 -11.92 -2.36 -2.02
C LEU B 49 -13.19 -2.65 -2.78
N LEU B 50 -13.50 -1.78 -3.72
CA LEU B 50 -14.78 -1.81 -4.43
C LEU B 50 -14.72 -1.94 -5.96
N GLY B 51 -13.51 -1.97 -6.53
CA GLY B 51 -13.31 -2.31 -7.90
C GLY B 51 -12.91 -1.14 -8.76
N PRO B 52 -12.60 -1.41 -10.01
CA PRO B 52 -11.86 -0.44 -10.80
C PRO B 52 -12.65 0.76 -11.32
N THR B 53 -13.96 0.75 -11.18
CA THR B 53 -14.79 1.84 -11.68
C THR B 53 -15.73 2.43 -10.64
N THR B 54 -15.46 2.16 -9.37
CA THR B 54 -16.31 2.71 -8.30
C THR B 54 -15.55 3.79 -7.53
N PRO B 55 -15.94 5.05 -7.67
CA PRO B 55 -15.31 6.10 -6.91
C PRO B 55 -15.60 5.95 -5.45
N VAL B 56 -14.67 6.44 -4.64
CA VAL B 56 -14.79 6.37 -3.19
C VAL B 56 -14.54 7.73 -2.55
N GLU B 57 -15.21 7.92 -1.44
CA GLU B 57 -14.93 9.04 -0.55
C GLU B 57 -14.42 8.46 0.76
N LEU B 58 -13.25 8.90 1.23
CA LEU B 58 -12.68 8.39 2.47
C LEU B 58 -12.98 9.34 3.62
N ARG B 59 -13.55 8.80 4.70
CA ARG B 59 -13.78 9.56 5.91
C ARG B 59 -12.93 8.91 7.00
N LEU B 60 -11.93 9.65 7.43
CA LEU B 60 -10.87 9.14 8.31
C LEU B 60 -11.07 9.66 9.74
N LEU B 61 -11.20 8.73 10.67
CA LEU B 61 -11.41 9.03 12.09
C LEU B 61 -10.23 8.57 12.90
N ASP B 62 -9.83 9.42 13.84
CA ASP B 62 -8.90 8.99 14.92
C ASP B 62 -9.14 9.95 16.09
N ILE B 63 -8.40 9.77 17.16
CA ILE B 63 -8.58 10.61 18.35
C ILE B 63 -8.09 12.04 18.08
N GLU B 64 -8.62 12.96 18.85
CA GLU B 64 -8.40 14.35 18.58
C GLU B 64 -6.90 14.73 18.62
N PRO B 65 -6.09 14.11 19.52
CA PRO B 65 -4.64 14.41 19.45
C PRO B 65 -3.93 13.92 18.17
N ALA B 66 -4.61 13.07 17.37
CA ALA B 66 -4.05 12.56 16.12
C ALA B 66 -4.49 13.41 14.90
N LEU B 67 -5.16 14.53 15.12
CA LEU B 67 -5.65 15.34 13.98
C LEU B 67 -4.54 15.82 13.02
N LYS B 68 -3.38 16.22 13.53
CA LYS B 68 -2.33 16.69 12.67
C LYS B 68 -1.80 15.50 11.84
N ALA B 69 -1.64 14.36 12.49
CA ALA B 69 -1.23 13.13 11.79
C ALA B 69 -2.24 12.79 10.69
N LEU B 70 -3.52 12.94 10.98
CA LEU B 70 -4.54 12.68 9.94
C LEU B 70 -4.44 13.65 8.79
N ALA B 71 -4.09 14.89 9.09
CA ALA B 71 -3.88 15.85 8.01
C ALA B 71 -2.71 15.43 7.13
N GLY B 72 -1.70 14.82 7.69
CA GLY B 72 -0.60 14.30 6.91
C GLY B 72 -1.00 13.14 6.04
N VAL B 73 -1.85 12.27 6.55
CA VAL B 73 -2.41 11.16 5.79
C VAL B 73 -3.17 11.75 4.60
N GLU B 74 -4.02 12.72 4.86
CA GLU B 74 -4.83 13.34 3.78
C GLU B 74 -3.92 13.94 2.71
N ALA B 75 -2.87 14.63 3.15
CA ALA B 75 -1.94 15.27 2.23
C ALA B 75 -1.29 14.21 1.32
N GLU B 76 -0.86 13.12 1.90
CA GLU B 76 -0.27 12.08 1.06
C GLU B 76 -1.27 11.45 0.13
N LEU B 77 -2.48 11.24 0.60
CA LEU B 77 -3.53 10.74 -0.29
C LEU B 77 -3.72 11.69 -1.50
N GLU B 78 -3.76 12.99 -1.25
CA GLU B 78 -3.89 13.96 -2.32
C GLU B 78 -2.75 13.80 -3.30
N ASP B 79 -1.56 13.63 -2.74
CA ASP B 79 -0.31 13.57 -3.56
C ASP B 79 -0.19 12.32 -4.40
N CYS B 80 -1.08 11.33 -4.19
CA CYS B 80 -1.17 10.13 -4.99
C CYS B 80 -1.92 10.35 -6.30
N ALA B 81 -2.69 11.43 -6.37
CA ALA B 81 -3.45 11.72 -7.60
C ALA B 81 -4.29 10.47 -8.02
N PHE B 82 -5.03 9.90 -7.06
CA PHE B 82 -5.84 8.73 -7.31
C PHE B 82 -7.11 9.13 -8.10
N PRO B 83 -7.33 8.54 -9.27
CA PRO B 83 -8.49 8.92 -10.03
C PRO B 83 -9.82 8.54 -9.40
N LEU B 84 -9.87 7.48 -8.59
CA LEU B 84 -11.11 7.06 -7.96
C LEU B 84 -11.40 7.78 -6.67
N LEU B 85 -10.46 8.55 -6.11
CA LEU B 85 -10.66 9.16 -4.81
C LEU B 85 -11.30 10.52 -4.92
N ASP B 86 -12.61 10.54 -4.69
CA ASP B 86 -13.38 11.75 -4.97
C ASP B 86 -13.19 12.79 -3.89
N LYS B 87 -13.06 12.35 -2.64
CA LYS B 87 -12.95 13.26 -1.51
C LYS B 87 -12.35 12.57 -0.29
N VAL B 88 -11.69 13.34 0.56
CA VAL B 88 -11.17 12.88 1.87
C VAL B 88 -11.64 13.87 2.93
N VAL B 89 -12.15 13.35 4.06
CA VAL B 89 -12.47 14.12 5.22
C VAL B 89 -11.73 13.52 6.37
N VAL B 90 -11.12 14.36 7.20
CA VAL B 90 -10.49 13.86 8.41
C VAL B 90 -11.18 14.51 9.61
N THR B 91 -11.33 13.71 10.67
CA THR B 91 -12.07 14.16 11.83
C THR B 91 -11.73 13.35 13.06
N ALA B 92 -12.07 13.90 14.22
CA ALA B 92 -12.09 13.16 15.48
C ALA B 92 -13.49 12.94 16.01
N ASP B 93 -14.50 13.33 15.23
CA ASP B 93 -15.88 13.21 15.64
C ASP B 93 -16.51 12.04 14.91
N PRO B 94 -16.89 10.98 15.64
CA PRO B 94 -17.43 9.82 14.95
C PRO B 94 -18.66 10.13 14.10
N ARG B 95 -19.52 11.05 14.55
CA ARG B 95 -20.68 11.41 13.74
C ARG B 95 -20.32 12.04 12.40
N VAL B 96 -19.28 12.85 12.39
CA VAL B 96 -18.76 13.34 11.15
C VAL B 96 -18.21 12.22 10.25
N ALA B 97 -17.43 11.32 10.82
CA ALA B 97 -16.82 10.29 10.03
C ALA B 97 -17.85 9.35 9.41
N PHE B 98 -18.92 9.03 10.16
CA PHE B 98 -19.91 8.01 9.70
C PHE B 98 -21.11 8.56 8.96
N ASP B 99 -21.13 9.87 8.74
CA ASP B 99 -22.27 10.53 8.08
C ASP B 99 -22.41 10.02 6.63
N GLY B 100 -23.49 9.30 6.42
CA GLY B 100 -23.82 8.73 5.14
C GLY B 100 -23.01 7.54 4.69
N VAL B 101 -22.18 6.99 5.57
CA VAL B 101 -21.27 5.94 5.09
C VAL B 101 -21.95 4.59 4.82
N ALA B 102 -21.45 3.93 3.77
CA ALA B 102 -21.88 2.60 3.38
C ALA B 102 -21.00 1.49 3.87
N ILE B 103 -19.72 1.79 4.11
CA ILE B 103 -18.77 0.80 4.59
CA ILE B 103 -18.80 0.81 4.62
C ILE B 103 -17.99 1.45 5.72
N ALA B 104 -17.78 0.74 6.84
CA ALA B 104 -16.98 1.27 7.94
C ALA B 104 -15.99 0.18 8.33
N ILE B 105 -14.71 0.52 8.32
CA ILE B 105 -13.64 -0.41 8.69
C ILE B 105 -13.02 0.13 9.96
N MET B 106 -13.19 -0.60 11.05
CA MET B 106 -12.92 -0.07 12.39
C MET B 106 -11.57 -0.61 12.85
N CYS B 107 -10.54 0.18 12.64
CA CYS B 107 -9.18 -0.23 13.03
C CYS B 107 -8.81 0.31 14.41
N GLY B 108 -9.47 1.38 14.83
CA GLY B 108 -9.21 2.01 16.09
C GLY B 108 -9.76 1.17 17.26
N ALA B 109 -8.97 1.04 18.30
CA ALA B 109 -9.42 0.36 19.50
C ALA B 109 -8.59 0.89 20.65
N PHE B 110 -8.89 0.46 21.85
CA PHE B 110 -8.15 0.95 22.98
C PHE B 110 -6.76 0.37 22.99
N PRO B 111 -5.74 1.19 23.31
CA PRO B 111 -4.41 0.64 23.30
C PRO B 111 -4.25 -0.32 24.51
N ARG B 112 -3.69 -1.48 24.28
CA ARG B 112 -3.35 -2.37 25.40
C ARG B 112 -2.10 -1.82 26.08
N LYS B 113 -2.03 -2.03 27.39
CA LYS B 113 -0.88 -1.66 28.18
C LYS B 113 -0.47 -2.92 28.91
N ALA B 114 0.83 -3.22 28.95
CA ALA B 114 1.32 -4.38 29.72
C ALA B 114 0.71 -4.38 31.14
N GLY B 115 0.22 -5.53 31.59
CA GLY B 115 -0.32 -5.65 32.95
C GLY B 115 -1.74 -5.12 33.17
N MET B 116 -2.46 -4.85 32.09
CA MET B 116 -3.86 -4.45 32.16
C MET B 116 -4.74 -5.71 32.28
N GLU B 117 -5.73 -5.69 33.16
CA GLU B 117 -6.67 -6.81 33.25
C GLU B 117 -7.57 -6.86 32.03
N ARG B 118 -7.97 -8.07 31.62
CA ARG B 118 -8.90 -8.24 30.51
C ARG B 118 -10.20 -7.46 30.73
N LYS B 119 -10.75 -7.51 31.94
CA LYS B 119 -12.04 -6.80 32.22
C LYS B 119 -11.93 -5.31 31.96
N ASP B 120 -10.82 -4.74 32.41
CA ASP B 120 -10.52 -3.33 32.22
C ASP B 120 -10.41 -3.00 30.72
N LEU B 121 -9.65 -3.81 29.99
CA LEU B 121 -9.50 -3.64 28.55
C LEU B 121 -10.85 -3.69 27.84
N LEU B 122 -11.66 -4.68 28.20
CA LEU B 122 -13.01 -4.80 27.56
C LEU B 122 -13.90 -3.63 27.91
N GLU B 123 -13.85 -3.18 29.15
CA GLU B 123 -14.60 -2.00 29.57
C GLU B 123 -14.18 -0.78 28.79
N MET B 124 -12.88 -0.60 28.62
CA MET B 124 -12.41 0.60 27.92
C MET B 124 -12.79 0.55 26.40
N ASN B 125 -12.67 -0.61 25.80
CA ASN B 125 -13.15 -0.76 24.42
C ASN B 125 -14.66 -0.61 24.30
N ALA B 126 -15.42 -1.04 25.30
CA ALA B 126 -16.87 -0.89 25.24
C ALA B 126 -17.25 0.59 25.15
N ARG B 127 -16.51 1.46 25.84
CA ARG B 127 -16.79 2.90 25.74
C ARG B 127 -16.61 3.39 24.30
N ILE B 128 -15.53 2.95 23.67
CA ILE B 128 -15.27 3.36 22.27
C ILE B 128 -16.34 2.84 21.35
N PHE B 129 -16.61 1.55 21.42
CA PHE B 129 -17.49 0.92 20.45
C PHE B 129 -18.97 1.22 20.68
N LYS B 130 -19.35 1.52 21.92
CA LYS B 130 -20.69 2.03 22.21
C LYS B 130 -20.91 3.37 21.53
N GLU B 131 -19.97 4.29 21.67
CA GLU B 131 -20.09 5.60 21.05
C GLU B 131 -20.13 5.45 19.53
N GLN B 132 -19.32 4.57 18.98
CA GLN B 132 -19.26 4.42 17.53
C GLN B 132 -20.49 3.74 16.99
N GLY B 133 -21.01 2.75 17.69
CA GLY B 133 -22.28 2.10 17.28
C GLY B 133 -23.43 3.08 17.30
N GLU B 134 -23.47 3.94 18.32
CA GLU B 134 -24.49 4.98 18.41
C GLU B 134 -24.35 5.95 17.25
N ALA B 135 -23.11 6.31 16.89
CA ALA B 135 -22.91 7.24 15.79
C ALA B 135 -23.32 6.64 14.45
N ILE B 136 -22.93 5.40 14.22
CA ILE B 136 -23.34 4.68 13.00
C ILE B 136 -24.87 4.64 12.91
N ALA B 137 -25.55 4.25 13.99
CA ALA B 137 -26.99 4.16 13.97
C ALA B 137 -27.62 5.54 13.65
N ALA B 138 -27.02 6.60 14.19
CA ALA B 138 -27.56 7.94 14.06
C ALA B 138 -27.47 8.50 12.62
N VAL B 139 -26.33 8.27 11.95
CA VAL B 139 -26.03 8.97 10.70
C VAL B 139 -25.51 8.16 9.51
N ALA B 140 -25.14 6.90 9.69
CA ALA B 140 -24.67 6.13 8.55
C ALA B 140 -25.83 5.79 7.63
N ALA B 141 -25.51 5.37 6.42
CA ALA B 141 -26.52 4.87 5.48
C ALA B 141 -27.22 3.66 6.03
N SER B 142 -28.49 3.47 5.63
CA SER B 142 -29.28 2.39 6.15
C SER B 142 -28.71 0.98 5.91
N ASP B 143 -27.96 0.80 4.84
CA ASP B 143 -27.41 -0.52 4.54
C ASP B 143 -25.90 -0.62 4.87
N CYS B 144 -25.44 0.22 5.82
CA CYS B 144 -24.02 0.28 6.17
C CYS B 144 -23.50 -1.09 6.59
N ARG B 145 -22.36 -1.46 6.05
CA ARG B 145 -21.69 -2.70 6.40
C ARG B 145 -20.43 -2.32 7.20
N VAL B 146 -20.18 -3.06 8.26
CA VAL B 146 -19.11 -2.77 9.20
C VAL B 146 -18.26 -3.99 9.33
N VAL B 147 -16.94 -3.79 9.31
CA VAL B 147 -15.99 -4.79 9.79
C VAL B 147 -15.10 -4.21 10.84
N VAL B 148 -15.02 -4.91 11.97
CA VAL B 148 -14.12 -4.51 13.03
C VAL B 148 -12.77 -5.27 12.95
N VAL B 149 -11.68 -4.48 12.87
CA VAL B 149 -10.31 -5.01 12.84
C VAL B 149 -9.64 -4.91 14.20
N GLY B 150 -9.85 -3.80 14.87
CA GLY B 150 -9.16 -3.52 16.12
C GLY B 150 -9.61 -4.48 17.23
N ASN B 151 -8.67 -4.88 18.05
CA ASN B 151 -8.96 -5.90 19.05
C ASN B 151 -9.53 -5.38 20.34
N PRO B 152 -10.29 -6.23 21.05
CA PRO B 152 -10.73 -7.58 20.72
C PRO B 152 -11.83 -7.56 19.66
N ALA B 153 -11.55 -8.08 18.48
CA ALA B 153 -12.36 -7.73 17.33
C ALA B 153 -13.80 -8.22 17.41
N ASN B 154 -13.98 -9.48 17.79
CA ASN B 154 -15.34 -10.06 17.85
C ASN B 154 -16.18 -9.31 18.84
N THR B 155 -15.67 -9.12 20.05
CA THR B 155 -16.44 -8.48 21.10
C THR B 155 -16.68 -7.02 20.82
N ASN B 156 -15.68 -6.36 20.22
CA ASN B 156 -15.87 -4.96 19.82
C ASN B 156 -17.04 -4.84 18.82
N ALA B 157 -17.06 -5.73 17.81
CA ALA B 157 -18.14 -5.82 16.87
C ALA B 157 -19.49 -6.02 17.55
N LEU B 158 -19.54 -6.95 18.50
CA LEU B 158 -20.75 -7.20 19.21
C LEU B 158 -21.21 -5.97 19.99
N ILE B 159 -20.31 -5.32 20.69
CA ILE B 159 -20.61 -4.03 21.37
C ILE B 159 -21.21 -2.99 20.40
N LEU B 160 -20.56 -2.83 19.27
CA LEU B 160 -21.03 -1.89 18.26
C LEU B 160 -22.44 -2.24 17.85
N LEU B 161 -22.68 -3.50 17.53
CA LEU B 161 -24.04 -3.89 17.07
C LEU B 161 -25.10 -3.61 18.14
N LYS B 162 -24.80 -4.03 19.36
CA LYS B 162 -25.74 -3.96 20.47
C LYS B 162 -26.00 -2.51 20.83
N SER B 163 -25.02 -1.66 20.61
CA SER B 163 -25.13 -0.23 20.89
C SER B 163 -25.91 0.57 19.86
N ALA B 164 -26.28 -0.06 18.74
CA ALA B 164 -26.93 0.61 17.63
C ALA B 164 -28.42 0.68 17.75
N GLN B 165 -28.91 0.29 18.91
CA GLN B 165 -30.32 0.58 19.27
C GLN B 165 -31.31 -0.09 18.29
N GLY B 166 -30.93 -1.25 17.77
CA GLY B 166 -31.75 -2.01 16.82
C GLY B 166 -31.83 -1.42 15.43
N LYS B 167 -31.00 -0.42 15.15
CA LYS B 167 -31.08 0.34 13.91
C LYS B 167 -30.04 -0.15 12.88
N LEU B 168 -29.32 -1.21 13.22
CA LEU B 168 -28.26 -1.70 12.36
C LEU B 168 -28.48 -3.19 12.10
N ASN B 169 -28.55 -3.58 10.83
CA ASN B 169 -28.82 -4.95 10.43
C ASN B 169 -27.74 -5.82 11.07
N PRO B 170 -28.12 -6.81 11.87
CA PRO B 170 -27.12 -7.65 12.51
C PRO B 170 -26.26 -8.45 11.53
N ARG B 171 -26.76 -8.70 10.32
CA ARG B 171 -25.97 -9.40 9.34
C ARG B 171 -24.93 -8.47 8.65
N HIS B 172 -24.95 -7.18 9.04
CA HIS B 172 -24.05 -6.21 8.44
C HIS B 172 -23.00 -5.73 9.41
N VAL B 173 -22.82 -6.42 10.52
CA VAL B 173 -21.70 -6.13 11.45
C VAL B 173 -20.85 -7.39 11.57
N THR B 174 -19.54 -7.26 11.25
CA THR B 174 -18.62 -8.37 11.24
C THR B 174 -17.33 -8.02 11.96
N ALA B 175 -16.54 -9.07 12.26
CA ALA B 175 -15.22 -8.93 12.75
C ALA B 175 -14.27 -9.70 11.91
N MET B 176 -13.03 -9.21 11.82
CA MET B 176 -12.08 -9.79 10.88
C MET B 176 -11.23 -10.89 11.49
N THR B 177 -11.39 -12.09 10.95
CA THR B 177 -10.47 -13.15 11.10
C THR B 177 -9.69 -13.47 9.80
N ARG B 178 -9.86 -12.65 8.77
CA ARG B 178 -9.24 -12.92 7.48
C ARG B 178 -7.71 -12.93 7.53
N LEU B 179 -7.09 -12.17 8.45
CA LEU B 179 -5.60 -12.26 8.53
C LEU B 179 -5.21 -13.66 9.01
N ASP B 180 -5.90 -14.19 10.02
CA ASP B 180 -5.62 -15.56 10.49
C ASP B 180 -5.89 -16.55 9.33
N HIS B 181 -6.96 -16.32 8.59
CA HIS B 181 -7.30 -17.16 7.43
C HIS B 181 -6.21 -17.15 6.38
N ASN B 182 -5.75 -15.97 6.00
CA ASN B 182 -4.71 -15.83 4.98
C ASN B 182 -3.39 -16.44 5.46
N ARG B 183 -3.11 -16.28 6.75
CA ARG B 183 -1.93 -16.92 7.32
C ARG B 183 -2.02 -18.45 7.17
N ALA B 184 -3.20 -18.99 7.47
CA ALA B 184 -3.42 -20.43 7.37
C ALA B 184 -3.34 -20.93 5.93
N LEU B 185 -3.88 -20.17 4.98
CA LEU B 185 -3.70 -20.52 3.56
C LEU B 185 -2.23 -20.60 3.20
N SER B 186 -1.47 -19.57 3.57
CA SER B 186 -0.06 -19.50 3.28
C SER B 186 0.69 -20.65 3.91
N LEU B 187 0.45 -20.92 5.18
CA LEU B 187 1.14 -21.98 5.87
C LEU B 187 0.86 -23.32 5.23
N LEU B 188 -0.40 -23.59 4.90
CA LEU B 188 -0.76 -24.85 4.26
C LEU B 188 -0.07 -24.98 2.92
N ALA B 189 -0.03 -23.90 2.16
CA ALA B 189 0.70 -23.88 0.88
C ALA B 189 2.18 -24.20 1.08
N ARG B 190 2.82 -23.57 2.08
CA ARG B 190 4.24 -23.82 2.33
C ARG B 190 4.49 -25.27 2.77
N LYS B 191 3.61 -25.81 3.59
CA LYS B 191 3.74 -27.21 4.02
C LYS B 191 3.57 -28.20 2.87
N ALA B 192 2.66 -27.89 1.96
CA ALA B 192 2.43 -28.74 0.79
C ALA B 192 3.42 -28.50 -0.32
N GLY B 193 4.18 -27.42 -0.27
CA GLY B 193 5.11 -27.08 -1.36
C GLY B 193 4.42 -26.62 -2.66
N VAL B 194 3.27 -25.97 -2.52
CA VAL B 194 2.51 -25.51 -3.71
C VAL B 194 2.28 -24.02 -3.65
N PRO B 195 1.96 -23.41 -4.80
CA PRO B 195 1.55 -22.02 -4.85
C PRO B 195 0.30 -21.78 -4.01
N VAL B 196 0.28 -20.67 -3.29
CA VAL B 196 -0.87 -20.35 -2.42
C VAL B 196 -2.15 -20.20 -3.21
N SER B 197 -2.05 -19.82 -4.49
CA SER B 197 -3.19 -19.71 -5.35
C SER B 197 -3.93 -21.04 -5.50
N GLN B 198 -3.27 -22.15 -5.26
CA GLN B 198 -3.89 -23.49 -5.38
C GLN B 198 -4.56 -23.97 -4.11
N VAL B 199 -4.49 -23.20 -3.03
CA VAL B 199 -5.01 -23.62 -1.72
C VAL B 199 -6.26 -22.79 -1.43
N ARG B 200 -7.30 -23.45 -0.88
CA ARG B 200 -8.50 -22.76 -0.46
CA ARG B 200 -8.50 -22.76 -0.46
C ARG B 200 -9.16 -23.53 0.67
N ASN B 201 -10.06 -22.85 1.37
CA ASN B 201 -11.01 -23.47 2.30
C ASN B 201 -10.42 -24.03 3.56
N VAL B 202 -9.37 -23.39 4.03
CA VAL B 202 -9.07 -23.39 5.44
C VAL B 202 -10.20 -22.68 6.15
N ILE B 203 -10.34 -22.91 7.46
CA ILE B 203 -11.37 -22.26 8.25
C ILE B 203 -10.76 -21.81 9.56
N ILE B 204 -11.09 -20.60 9.98
CA ILE B 204 -10.77 -20.10 11.31
C ILE B 204 -12.12 -19.98 12.04
N TRP B 205 -12.31 -20.83 13.05
CA TRP B 205 -13.55 -20.80 13.81
C TRP B 205 -13.39 -19.99 15.06
N GLY B 206 -14.41 -19.25 15.42
CA GLY B 206 -14.50 -18.69 16.75
C GLY B 206 -14.00 -17.28 16.94
N ASN B 207 -13.19 -17.10 18.00
CA ASN B 207 -12.72 -15.80 18.38
C ASN B 207 -11.42 -15.47 17.66
N HIS B 208 -11.24 -14.22 17.33
CA HIS B 208 -9.96 -13.71 16.87
C HIS B 208 -9.04 -13.50 18.07
N SER B 209 -8.48 -14.59 18.51
CA SER B 209 -7.70 -14.66 19.73
C SER B 209 -6.96 -15.98 19.77
N SER B 210 -6.25 -16.22 20.85
CA SER B 210 -5.56 -17.47 21.05
C SER B 210 -6.47 -18.68 21.16
N THR B 211 -7.78 -18.48 21.27
CA THR B 211 -8.71 -19.65 21.24
C THR B 211 -9.29 -19.92 19.86
N GLN B 212 -8.91 -19.15 18.85
CA GLN B 212 -9.31 -19.49 17.48
C GLN B 212 -9.00 -20.93 17.20
N VAL B 213 -9.82 -21.54 16.35
CA VAL B 213 -9.59 -22.88 15.92
C VAL B 213 -9.24 -22.87 14.42
N PRO B 214 -7.95 -22.95 14.11
CA PRO B 214 -7.58 -23.05 12.69
C PRO B 214 -7.79 -24.50 12.23
N ASP B 215 -8.41 -24.68 11.09
CA ASP B 215 -8.91 -25.96 10.68
C ASP B 215 -8.62 -26.15 9.19
N THR B 216 -7.93 -27.25 8.88
CA THR B 216 -7.57 -27.58 7.52
C THR B 216 -8.37 -28.80 7.03
N ASP B 217 -9.33 -29.29 7.82
CA ASP B 217 -10.01 -30.55 7.46
C ASP B 217 -10.82 -30.49 6.17
N SER B 218 -11.23 -29.28 5.80
CA SER B 218 -12.05 -29.04 4.62
C SER B 218 -11.27 -28.36 3.46
N ALA B 219 -9.99 -28.13 3.70
CA ALA B 219 -9.17 -27.40 2.74
C ALA B 219 -8.88 -28.27 1.52
N VAL B 220 -8.62 -27.59 0.41
CA VAL B 220 -8.39 -28.25 -0.86
C VAL B 220 -7.12 -27.70 -1.45
N ILE B 221 -6.29 -28.57 -1.97
CA ILE B 221 -5.13 -28.17 -2.71
C ILE B 221 -5.36 -28.61 -4.14
N GLY B 222 -5.52 -27.65 -5.03
CA GLY B 222 -5.99 -27.94 -6.39
C GLY B 222 -7.45 -28.35 -6.36
N THR B 223 -7.70 -29.62 -6.64
CA THR B 223 -9.01 -30.22 -6.37
C THR B 223 -8.89 -31.42 -5.41
N THR B 224 -7.73 -31.59 -4.78
CA THR B 224 -7.50 -32.70 -3.84
C THR B 224 -7.68 -32.25 -2.39
N PRO B 225 -8.47 -32.96 -1.61
CA PRO B 225 -8.54 -32.72 -0.17
C PRO B 225 -7.18 -32.66 0.47
N ALA B 226 -6.97 -31.66 1.32
CA ALA B 226 -5.73 -31.53 2.06
C ALA B 226 -5.58 -32.69 3.05
N ASP B 237 0.74 -31.94 13.47
CA ASP B 237 1.76 -31.51 14.41
C ASP B 237 1.52 -30.05 14.82
N ASP B 238 2.15 -29.09 14.13
CA ASP B 238 2.28 -27.73 14.68
C ASP B 238 1.42 -26.64 14.00
N PHE B 239 0.53 -27.03 13.09
CA PHE B 239 -0.22 -26.04 12.30
C PHE B 239 -0.96 -25.03 13.15
N VAL B 240 -1.74 -25.52 14.11
CA VAL B 240 -2.53 -24.65 14.97
C VAL B 240 -1.66 -23.65 15.74
N GLN B 241 -0.61 -24.15 16.40
CA GLN B 241 0.24 -23.26 17.19
C GLN B 241 0.97 -22.23 16.32
N VAL B 242 1.35 -22.61 15.10
CA VAL B 242 1.99 -21.65 14.22
C VAL B 242 1.04 -20.50 13.80
N VAL B 243 -0.19 -20.85 13.46
CA VAL B 243 -1.19 -19.83 13.13
C VAL B 243 -1.44 -18.95 14.35
N ARG B 244 -1.69 -19.58 15.51
CA ARG B 244 -1.98 -18.80 16.72
C ARG B 244 -0.83 -17.91 17.13
N GLY B 245 0.41 -18.38 16.91
CA GLY B 245 1.59 -17.63 17.30
C GLY B 245 2.15 -16.65 16.27
N ARG B 246 1.51 -16.54 15.12
CA ARG B 246 2.11 -15.78 14.04
C ARG B 246 2.23 -14.28 14.31
N GLY B 247 1.21 -13.69 14.93
CA GLY B 247 1.30 -12.28 15.28
C GLY B 247 2.48 -11.92 16.15
N ALA B 248 2.73 -12.77 17.17
CA ALA B 248 3.89 -12.60 18.00
C ALA B 248 5.19 -12.80 17.25
N GLU B 249 5.20 -13.71 16.28
CA GLU B 249 6.41 -13.89 15.45
C GLU B 249 6.69 -12.63 14.63
N ILE B 250 5.65 -12.02 14.07
CA ILE B 250 5.87 -10.75 13.38
C ILE B 250 6.51 -9.69 14.29
N ILE B 251 5.97 -9.56 15.49
CA ILE B 251 6.56 -8.59 16.44
C ILE B 251 8.04 -8.88 16.78
N GLN B 252 8.39 -10.15 16.89
CA GLN B 252 9.76 -10.53 17.16
C GLN B 252 10.68 -10.09 16.02
N LEU B 253 10.21 -10.30 14.79
CA LEU B 253 11.03 -9.93 13.62
C LEU B 253 11.05 -8.42 13.31
N ARG B 254 9.87 -7.81 13.41
CA ARG B 254 9.60 -6.42 12.98
CA ARG B 254 9.63 -6.43 12.99
C ARG B 254 9.83 -5.40 14.10
N GLY B 255 9.54 -5.82 15.32
CA GLY B 255 9.57 -4.88 16.45
C GLY B 255 8.26 -4.17 16.61
N LEU B 256 7.33 -4.45 15.71
CA LEU B 256 6.00 -3.86 15.72
C LEU B 256 5.01 -4.91 15.19
N SER B 257 3.74 -4.73 15.52
CA SER B 257 2.66 -5.61 15.10
C SER B 257 2.45 -5.50 13.58
N SER B 258 1.85 -6.52 13.04
CA SER B 258 1.49 -6.53 11.64
C SER B 258 0.69 -5.28 11.23
N ALA B 259 0.91 -4.82 9.99
CA ALA B 259 0.17 -3.67 9.47
C ALA B 259 -0.17 -3.87 8.01
N MET B 260 0.83 -4.01 7.16
CA MET B 260 0.63 -4.34 5.73
C MET B 260 -0.31 -5.51 5.56
N SER B 261 -0.08 -6.58 6.28
CA SER B 261 -0.85 -7.80 6.02
C SER B 261 -2.23 -7.68 6.63
N ALA B 262 -2.39 -6.93 7.72
CA ALA B 262 -3.72 -6.71 8.29
C ALA B 262 -4.58 -5.83 7.38
N ALA B 263 -3.97 -4.82 6.77
CA ALA B 263 -4.66 -3.93 5.83
C ALA B 263 -5.08 -4.76 4.62
N LYS B 264 -4.21 -5.62 4.13
CA LYS B 264 -4.52 -6.47 2.98
C LYS B 264 -5.72 -7.38 3.29
N ALA B 265 -5.69 -7.97 4.47
CA ALA B 265 -6.82 -8.83 4.93
C ALA B 265 -8.12 -8.07 5.06
N ALA B 266 -8.07 -6.82 5.51
CA ALA B 266 -9.30 -6.03 5.64
C ALA B 266 -9.90 -5.76 4.30
N VAL B 267 -9.06 -5.40 3.33
CA VAL B 267 -9.54 -5.26 1.97
C VAL B 267 -10.15 -6.57 1.43
N ASP B 268 -9.48 -7.69 1.63
CA ASP B 268 -10.03 -9.01 1.22
C ASP B 268 -11.41 -9.23 1.85
N HIS B 269 -11.52 -9.01 3.15
CA HIS B 269 -12.77 -9.26 3.87
C HIS B 269 -13.89 -8.48 3.22
N VAL B 270 -13.71 -7.20 3.05
CA VAL B 270 -14.77 -6.36 2.52
C VAL B 270 -14.99 -6.67 1.02
N HIS B 271 -13.92 -6.75 0.25
CA HIS B 271 -14.04 -7.01 -1.16
C HIS B 271 -14.83 -8.32 -1.42
N ASP B 272 -14.52 -9.38 -0.70
CA ASP B 272 -15.18 -10.64 -0.92
C ASP B 272 -16.64 -10.55 -0.50
N TRP B 273 -16.91 -9.80 0.59
CA TRP B 273 -18.25 -9.62 1.07
C TRP B 273 -19.13 -8.95 0.02
N ILE B 274 -18.62 -7.86 -0.55
CA ILE B 274 -19.41 -7.03 -1.49
C ILE B 274 -19.39 -7.69 -2.88
N HIS B 275 -18.23 -8.08 -3.36
CA HIS B 275 -18.11 -8.62 -4.72
C HIS B 275 -18.59 -10.07 -4.82
N GLY B 276 -18.48 -10.83 -3.72
CA GLY B 276 -18.77 -12.24 -3.73
C GLY B 276 -17.51 -13.08 -3.69
N THR B 277 -17.64 -14.25 -3.13
CA THR B 277 -16.61 -15.31 -3.16
C THR B 277 -16.77 -16.22 -4.42
N PRO B 278 -15.67 -16.62 -5.03
CA PRO B 278 -15.74 -17.51 -6.19
C PRO B 278 -16.37 -18.84 -5.88
N GLU B 279 -16.91 -19.47 -6.90
CA GLU B 279 -17.58 -20.73 -6.77
C GLU B 279 -16.60 -21.70 -6.11
N GLY B 280 -17.08 -22.38 -5.09
CA GLY B 280 -16.33 -23.39 -4.36
C GLY B 280 -15.38 -22.87 -3.30
N VAL B 281 -15.35 -21.54 -3.08
CA VAL B 281 -14.46 -20.91 -2.09
C VAL B 281 -15.30 -20.40 -0.93
N TYR B 282 -14.86 -20.71 0.26
CA TYR B 282 -15.37 -19.98 1.42
C TYR B 282 -14.23 -19.31 2.20
N VAL B 283 -14.58 -18.25 2.89
CA VAL B 283 -13.64 -17.47 3.64
C VAL B 283 -14.14 -17.28 5.06
N SER B 284 -13.22 -17.08 5.99
CA SER B 284 -13.57 -16.96 7.41
C SER B 284 -14.01 -15.53 7.66
N MET B 285 -15.14 -15.37 8.37
CA MET B 285 -15.66 -14.07 8.79
C MET B 285 -16.30 -14.20 10.15
N GLY B 286 -16.02 -13.24 11.02
CA GLY B 286 -16.74 -13.12 12.27
C GLY B 286 -18.09 -12.50 12.02
N VAL B 287 -19.15 -13.27 12.27
CA VAL B 287 -20.52 -12.85 11.90
C VAL B 287 -21.44 -13.14 13.07
N TYR B 288 -22.58 -12.47 13.04
CA TYR B 288 -23.55 -12.63 14.12
C TYR B 288 -24.09 -14.06 14.11
N SER B 289 -24.13 -14.68 15.29
CA SER B 289 -24.32 -16.13 15.40
C SER B 289 -25.75 -16.61 15.41
N ASP B 290 -26.72 -15.73 15.52
CA ASP B 290 -28.12 -16.19 15.49
C ASP B 290 -28.38 -17.05 14.21
N GLU B 291 -29.04 -18.21 14.39
CA GLU B 291 -29.49 -19.07 13.28
C GLU B 291 -28.34 -19.74 12.54
N ASN B 292 -27.23 -19.97 13.21
CA ASN B 292 -26.13 -20.68 12.59
C ASN B 292 -26.46 -22.15 12.56
N PRO B 293 -25.94 -22.88 11.56
CA PRO B 293 -26.26 -24.31 11.43
C PRO B 293 -25.45 -25.25 12.32
N TYR B 294 -24.61 -24.72 13.22
CA TYR B 294 -23.64 -25.49 14.02
C TYR B 294 -24.02 -25.63 15.52
N GLY B 295 -25.19 -25.11 15.85
CA GLY B 295 -25.66 -25.04 17.22
C GLY B 295 -24.77 -24.19 18.12
N VAL B 296 -23.93 -23.30 17.55
CA VAL B 296 -23.18 -22.36 18.38
C VAL B 296 -24.18 -21.38 19.05
N PRO B 297 -23.94 -20.96 20.33
CA PRO B 297 -24.92 -20.04 20.93
C PRO B 297 -25.21 -18.75 20.17
N SER B 298 -26.45 -18.28 20.27
CA SER B 298 -26.85 -17.00 19.70
C SER B 298 -26.23 -15.83 20.40
N GLY B 299 -26.35 -14.68 19.78
CA GLY B 299 -25.97 -13.44 20.39
C GLY B 299 -24.49 -13.14 20.49
N LEU B 300 -23.71 -13.74 19.59
CA LEU B 300 -22.25 -13.58 19.54
C LEU B 300 -21.79 -13.22 18.17
N ILE B 301 -20.63 -12.59 18.07
CA ILE B 301 -19.93 -12.45 16.78
C ILE B 301 -18.87 -13.56 16.81
N PHE B 302 -18.98 -14.49 15.85
CA PHE B 302 -18.30 -15.76 15.85
C PHE B 302 -17.79 -16.01 14.44
N SER B 303 -16.51 -16.38 14.31
CA SER B 303 -15.97 -16.70 13.02
C SER B 303 -16.41 -18.07 12.49
N PHE B 304 -16.96 -18.02 11.26
CA PHE B 304 -17.48 -19.18 10.57
C PHE B 304 -16.96 -19.19 9.14
N PRO B 305 -16.98 -20.38 8.48
CA PRO B 305 -16.74 -20.41 7.05
C PRO B 305 -17.97 -19.86 6.31
N CYS B 306 -17.72 -18.91 5.42
CA CYS B 306 -18.79 -18.18 4.73
C CYS B 306 -18.56 -18.10 3.23
N THR B 307 -19.64 -18.20 2.48
CA THR B 307 -19.65 -17.71 1.10
C THR B 307 -20.31 -16.36 1.13
N CYS B 308 -20.02 -15.52 0.11
CA CYS B 308 -20.66 -14.23 0.01
C CYS B 308 -21.19 -14.01 -1.38
N HIS B 309 -22.29 -13.30 -1.45
CA HIS B 309 -22.88 -12.91 -2.74
C HIS B 309 -23.52 -11.55 -2.53
N ALA B 310 -23.09 -10.57 -3.32
CA ALA B 310 -23.75 -9.28 -3.38
C ALA B 310 -23.96 -8.64 -2.01
N GLY B 311 -22.89 -8.60 -1.22
CA GLY B 311 -22.93 -7.91 0.06
C GLY B 311 -23.60 -8.72 1.17
N GLU B 312 -23.81 -10.01 0.96
CA GLU B 312 -24.39 -10.86 2.01
C GLU B 312 -23.63 -12.16 2.23
N TRP B 313 -23.32 -12.46 3.52
CA TRP B 313 -22.69 -13.73 3.84
C TRP B 313 -23.70 -14.84 4.06
N THR B 314 -23.25 -16.08 3.90
CA THR B 314 -24.00 -17.28 4.25
C THR B 314 -23.00 -18.21 4.92
N VAL B 315 -23.31 -18.70 6.11
CA VAL B 315 -22.48 -19.70 6.75
C VAL B 315 -22.58 -21.04 5.99
N VAL B 316 -21.43 -21.62 5.66
CA VAL B 316 -21.36 -22.94 5.03
C VAL B 316 -21.54 -24.01 6.08
N SER B 317 -22.51 -24.91 5.86
CA SER B 317 -22.80 -25.96 6.82
C SER B 317 -21.97 -27.22 6.57
N GLY B 318 -21.98 -28.10 7.56
CA GLY B 318 -21.45 -29.45 7.36
C GLY B 318 -19.96 -29.59 7.47
N LYS B 319 -19.28 -28.56 7.97
CA LYS B 319 -17.83 -28.56 7.98
C LYS B 319 -17.24 -28.90 9.33
N LEU B 320 -18.07 -29.33 10.29
CA LEU B 320 -17.57 -29.97 11.50
C LEU B 320 -18.01 -31.43 11.61
N ASN B 321 -17.13 -32.25 12.18
CA ASN B 321 -17.31 -33.71 12.23
C ASN B 321 -18.23 -34.15 13.34
N GLY B 322 -19.54 -33.95 13.14
CA GLY B 322 -20.53 -34.36 14.13
C GLY B 322 -20.33 -33.68 15.46
N ASP B 323 -20.80 -34.30 16.53
CA ASP B 323 -20.74 -33.73 17.90
C ASP B 323 -19.30 -33.59 18.40
N LEU B 324 -18.45 -34.53 18.01
CA LEU B 324 -17.01 -34.47 18.28
C LEU B 324 -16.38 -33.23 17.63
N GLY B 325 -16.79 -32.97 16.39
CA GLY B 325 -16.41 -31.73 15.69
C GLY B 325 -16.88 -30.51 16.46
N LYS B 326 -18.16 -30.50 16.87
CA LYS B 326 -18.73 -29.34 17.59
C LYS B 326 -18.00 -29.05 18.92
N GLN B 327 -17.50 -30.10 19.58
CA GLN B 327 -16.77 -29.97 20.86
C GLN B 327 -15.44 -29.21 20.70
N ARG B 328 -14.89 -29.25 19.48
CA ARG B 328 -13.73 -28.45 19.08
C ARG B 328 -13.95 -26.95 19.37
N LEU B 329 -15.22 -26.53 19.42
CA LEU B 329 -15.54 -25.10 19.55
C LEU B 329 -15.87 -24.68 20.95
N ALA B 330 -15.91 -25.60 21.90
CA ALA B 330 -16.39 -25.22 23.20
C ALA B 330 -15.58 -24.11 23.89
N SER B 331 -14.27 -24.22 23.86
CA SER B 331 -13.39 -23.28 24.53
C SER B 331 -13.53 -21.85 23.96
N THR B 332 -13.57 -21.74 22.64
CA THR B 332 -13.68 -20.41 22.04
C THR B 332 -15.07 -19.80 22.28
N ILE B 333 -16.12 -20.64 22.25
CA ILE B 333 -17.45 -20.21 22.67
C ILE B 333 -17.44 -19.62 24.06
N ALA B 334 -16.85 -20.36 25.00
CA ALA B 334 -16.82 -19.90 26.40
C ALA B 334 -16.06 -18.59 26.54
N GLU B 335 -14.94 -18.44 25.82
CA GLU B 335 -14.19 -17.20 25.88
C GLU B 335 -15.02 -16.03 25.36
N LEU B 336 -15.74 -16.23 24.26
CA LEU B 336 -16.57 -15.18 23.71
C LEU B 336 -17.71 -14.79 24.65
N GLN B 337 -18.28 -15.77 25.34
CA GLN B 337 -19.32 -15.47 26.29
C GLN B 337 -18.74 -14.73 27.50
N GLU B 338 -17.56 -15.12 27.94
CA GLU B 338 -16.87 -14.41 29.02
C GLU B 338 -16.60 -12.96 28.65
N GLU B 339 -16.09 -12.75 27.46
CA GLU B 339 -15.82 -11.38 27.02
C GLU B 339 -17.08 -10.54 26.88
N ARG B 340 -18.17 -11.13 26.40
CA ARG B 340 -19.42 -10.41 26.27
C ARG B 340 -19.84 -9.90 27.65
N ALA B 341 -19.80 -10.76 28.66
CA ALA B 341 -20.18 -10.36 30.03
C ALA B 341 -19.24 -9.29 30.60
N GLN B 342 -17.93 -9.45 30.38
CA GLN B 342 -16.96 -8.49 30.92
C GLN B 342 -17.06 -7.12 30.24
N ALA B 343 -17.51 -7.10 28.99
CA ALA B 343 -17.74 -5.84 28.28
C ALA B 343 -18.95 -5.07 28.80
N GLY B 344 -19.77 -5.73 29.60
CA GLY B 344 -20.91 -5.10 30.21
C GLY B 344 -22.16 -5.31 29.40
N LEU B 345 -22.06 -6.15 28.37
CA LEU B 345 -23.19 -6.52 27.57
C LEU B 345 -23.90 -7.65 28.29
PA NAD C . 14.20 4.85 4.96
O1A NAD C . 15.39 5.39 5.74
O2A NAD C . 12.95 4.41 5.71
O5B NAD C . 14.66 3.62 4.08
C5B NAD C . 15.91 3.64 3.39
C4B NAD C . 16.43 2.22 3.51
O4B NAD C . 17.58 2.16 2.64
C3B NAD C . 16.92 1.81 4.90
O3B NAD C . 16.21 0.63 5.33
C2B NAD C . 18.39 1.58 4.68
O2B NAD C . 18.98 0.59 5.54
C1B NAD C . 18.46 1.22 3.20
N9A NAD C . 19.78 1.24 2.63
C8A NAD C . 20.90 1.93 3.03
N7A NAD C . 21.97 1.55 2.28
C5A NAD C . 21.54 0.58 1.46
C6A NAD C . 22.16 -0.27 0.45
N6A NAD C . 23.52 -0.17 0.27
N1A NAD C . 21.37 -1.17 -0.22
C2A NAD C . 20.05 -1.24 0.01
N3A NAD C . 19.41 -0.55 0.98
C4A NAD C . 20.12 0.37 1.67
O3 NAD C . 13.84 5.98 3.86
PN NAD C . 12.49 6.15 3.00
O1N NAD C . 11.63 7.19 3.68
O2N NAD C . 11.98 4.82 2.66
O5D NAD C . 13.13 6.88 1.74
C5D NAD C . 14.07 6.16 0.86
C4D NAD C . 14.82 7.12 -0.02
O4D NAD C . 13.93 7.74 -0.97
C3D NAD C . 15.45 8.27 0.70
O3D NAD C . 16.72 8.63 0.10
C2D NAD C . 14.45 9.41 0.55
O2D NAD C . 14.97 10.74 0.67
C1D NAD C . 14.06 9.16 -0.89
N1N NAD C . 12.81 9.73 -1.36
C2N NAD C . 12.73 10.05 -2.68
C3N NAD C . 11.54 10.52 -3.20
C7N NAD C . 11.49 10.87 -4.65
O7N NAD C . 12.37 10.52 -5.53
N7N NAD C . 10.39 11.50 -4.97
C4N NAD C . 10.42 10.66 -2.35
C5N NAD C . 10.51 10.27 -1.07
C6N NAD C . 11.73 9.82 -0.53
P PO4 D . -4.26 -2.26 -9.14
O1 PO4 D . -3.62 -3.39 -9.99
O2 PO4 D . -4.00 -0.90 -9.72
O3 PO4 D . -5.75 -2.55 -9.06
O4 PO4 D . -3.69 -2.36 -7.74
C1 EDO E . 17.00 -12.92 6.55
O1 EDO E . 16.83 -12.44 7.89
C2 EDO E . 18.28 -13.77 6.45
O2 EDO E . 18.06 -15.17 6.79
C1 EDO F . 22.28 16.73 -26.07
O1 EDO F . 21.21 16.96 -27.02
C2 EDO F . 23.54 16.22 -26.81
O2 EDO F . 23.73 14.75 -26.93
C1 EDO G . 10.31 14.49 -1.88
O1 EDO G . 9.88 15.87 -1.73
C2 EDO G . 11.55 14.09 -1.03
O2 EDO G . 12.62 13.49 -1.84
C1 EDO H . 4.24 27.69 -14.26
O1 EDO H . 3.73 26.91 -15.33
C2 EDO H . 3.94 27.03 -12.92
O2 EDO H . 2.56 27.18 -12.59
P PO4 I . -2.00 1.62 15.88
O1 PO4 I . -0.76 1.87 14.93
O2 PO4 I . -1.75 1.99 17.32
O3 PO4 I . -3.21 2.45 15.44
O4 PO4 I . -2.42 0.18 15.88
P PO4 J . -1.89 -9.92 14.79
O1 PO4 J . -2.59 -11.21 14.60
O2 PO4 J . -0.78 -9.65 13.83
O3 PO4 J . -2.89 -8.80 14.69
O4 PO4 J . -1.31 -9.99 16.20
C1 EDO K . -6.38 -29.20 12.01
O1 EDO K . -7.42 -29.06 11.05
C2 EDO K . -5.36 -28.11 11.84
O2 EDO K . -4.45 -28.48 10.80
#